data_9S5M
#
_entry.id   9S5M
#
_cell.length_a   43.260
_cell.length_b   83.724
_cell.length_c   207.777
_cell.angle_alpha   90.00
_cell.angle_beta   90.00
_cell.angle_gamma   90.00
#
_symmetry.space_group_name_H-M   'P 21 21 21'
#
loop_
_entity.id
_entity.type
_entity.pdbx_description
1 polymer Beta-lactamase
2 non-polymer 'PHOSPHATE ION'
3 non-polymer '(3~{R})-3-[2-[4-(2-azanylethylamino)cyclohexyl]ethanoylamino]-2-oxidanyl-3,4-dihydro-1,2-benzoxaborinine-8-carboxylic acid'
4 non-polymer GLYCINE
5 water water
#
_entity_poly.entity_id   1
_entity_poly.type   'polypeptide(L)'
_entity_poly.pdbx_seq_one_letter_code
;SNTPKDQEIKKLVDQNFKPLLEKYDVPGMAVGVIQNNKKYEMYYGLQSVQDKKAVNSSTIFELGSVSKLFTATAGGYAKN
KGKISFDDTPGKYWKELKNTPIDQVNLLQLATYTSGNLALQFPDEVKTDQQVLTFFKDWKPKNSIGEYRQYSNPSIGLFG
KVVALSMNKPFDQVLEKTIFPALGLKHSYVNVPKTQMQNYAFGYNQENQPIRVNPGPLDAPAYGVKSTLPDMLSFIHANL
NPQKYPADIQRAINETHQGRYQVNTMYQALGWEEFSYPATLQTLLDSNSEQIVMKPNKVTAISKEPSVKMYHKTGSTTGF
GTYVVFIPKENIGLVMLTNKRIPNEERIKAAYAVLNAIKK
;
_entity_poly.pdbx_strand_id   B,A
#
# COMPACT_ATOMS: atom_id res chain seq x y z
N ASN A 2 5.30 -1.23 30.48
CA ASN A 2 4.65 -1.16 31.79
C ASN A 2 3.17 -1.53 31.68
N THR A 3 2.77 -2.08 30.55
CA THR A 3 1.39 -2.51 30.32
C THR A 3 1.39 -3.98 29.92
N PRO A 4 0.59 -4.83 30.57
CA PRO A 4 0.56 -6.24 30.20
C PRO A 4 0.29 -6.47 28.72
N LYS A 5 0.87 -7.55 28.19
CA LYS A 5 0.74 -7.83 26.77
C LYS A 5 -0.72 -7.97 26.34
N ASP A 6 -1.55 -8.64 27.14
CA ASP A 6 -2.93 -8.83 26.72
C ASP A 6 -3.64 -7.47 26.60
N GLN A 7 -3.30 -6.51 27.47
CA GLN A 7 -3.87 -5.17 27.35
C GLN A 7 -3.32 -4.43 26.13
N GLU A 8 -2.02 -4.61 25.85
CA GLU A 8 -1.43 -3.99 24.66
C GLU A 8 -2.12 -4.45 23.38
N ILE A 9 -2.42 -5.75 23.27
CA ILE A 9 -3.07 -6.27 22.08
C ILE A 9 -4.52 -5.83 22.02
N LYS A 10 -5.23 -5.87 23.15
CA LYS A 10 -6.59 -5.35 23.18
C LYS A 10 -6.63 -3.89 22.74
N LYS A 11 -5.66 -3.08 23.18
CA LYS A 11 -5.60 -1.68 22.77
C LYS A 11 -5.42 -1.56 21.26
N LEU A 12 -4.52 -2.36 20.68
CA LEU A 12 -4.30 -2.30 19.24
C LEU A 12 -5.56 -2.68 18.47
N VAL A 13 -6.27 -3.72 18.94
CA VAL A 13 -7.49 -4.12 18.26
C VAL A 13 -8.56 -3.03 18.41
N ASP A 14 -8.62 -2.40 19.60
CA ASP A 14 -9.53 -1.29 19.80
C ASP A 14 -9.23 -0.15 18.84
N GLN A 15 -7.95 0.13 18.62
CA GLN A 15 -7.56 1.29 17.81
C GLN A 15 -7.85 1.06 16.33
N ASN A 16 -7.73 -0.18 15.87
CA ASN A 16 -7.79 -0.45 14.44
C ASN A 16 -9.04 -1.19 13.99
N PHE A 17 -9.60 -2.06 14.80
CA PHE A 17 -10.83 -2.76 14.41
C PHE A 17 -12.09 -2.14 15.00
N LYS A 18 -12.05 -1.69 16.26
CA LYS A 18 -13.26 -1.18 16.88
C LYS A 18 -13.93 -0.06 16.06
N PRO A 19 -13.20 0.90 15.50
CA PRO A 19 -13.89 1.99 14.78
C PRO A 19 -14.69 1.51 13.60
N LEU A 20 -14.40 0.32 13.07
CA LEU A 20 -15.13 -0.19 11.92
C LEU A 20 -16.58 -0.49 12.27
N LEU A 21 -16.87 -0.77 13.56
CA LEU A 21 -18.24 -1.03 13.96
C LEU A 21 -19.15 0.17 13.67
N GLU A 22 -18.75 1.37 14.12
N GLU A 22 -18.74 1.37 14.09
CA GLU A 22 -19.57 2.54 13.85
CA GLU A 22 -19.55 2.55 13.87
C GLU A 22 -19.48 2.92 12.37
C GLU A 22 -19.43 3.06 12.44
N LYS A 23 -18.29 2.83 11.78
CA LYS A 23 -18.13 3.30 10.40
C LYS A 23 -19.03 2.54 9.44
N TYR A 24 -19.19 1.23 9.64
CA TYR A 24 -19.98 0.41 8.73
C TYR A 24 -21.25 -0.11 9.37
N ASP A 25 -21.61 0.40 10.56
CA ASP A 25 -22.86 0.05 11.22
C ASP A 25 -22.95 -1.48 11.42
N VAL A 26 -21.88 -2.05 11.96
CA VAL A 26 -21.75 -3.50 12.10
C VAL A 26 -22.23 -3.89 13.50
N PRO A 27 -23.18 -4.81 13.63
CA PRO A 27 -23.71 -5.11 14.97
C PRO A 27 -22.72 -5.81 15.89
N GLY A 28 -21.95 -6.77 15.39
CA GLY A 28 -21.11 -7.61 16.25
C GLY A 28 -19.82 -7.99 15.56
N MET A 29 -18.78 -8.21 16.36
CA MET A 29 -17.47 -8.53 15.80
C MET A 29 -16.66 -9.34 16.80
N ALA A 30 -15.91 -10.31 16.29
CA ALA A 30 -14.95 -11.04 17.10
C ALA A 30 -13.58 -10.95 16.44
N VAL A 31 -12.56 -10.57 17.21
CA VAL A 31 -11.20 -10.50 16.71
C VAL A 31 -10.31 -11.32 17.65
N GLY A 32 -9.49 -12.19 17.07
CA GLY A 32 -8.56 -12.96 17.84
C GLY A 32 -7.15 -12.83 17.30
N VAL A 33 -6.19 -12.89 18.21
CA VAL A 33 -4.77 -12.91 17.88
C VAL A 33 -4.14 -14.09 18.60
N ILE A 34 -3.31 -14.84 17.89
CA ILE A 34 -2.49 -15.87 18.53
C ILE A 34 -1.05 -15.53 18.26
N GLN A 35 -0.25 -15.46 19.33
CA GLN A 35 1.16 -15.11 19.21
C GLN A 35 1.94 -16.03 20.13
N ASN A 36 2.91 -16.76 19.58
CA ASN A 36 3.74 -17.65 20.37
C ASN A 36 2.89 -18.61 21.21
N ASN A 37 1.84 -19.15 20.59
N ASN A 37 1.83 -19.14 20.60
CA ASN A 37 0.94 -20.14 21.19
CA ASN A 37 0.94 -20.13 21.20
C ASN A 37 0.03 -19.56 22.27
C ASN A 37 0.05 -19.57 22.30
N LYS A 38 0.01 -18.24 22.46
CA LYS A 38 -0.88 -17.59 23.41
C LYS A 38 -2.01 -16.91 22.65
N LYS A 39 -3.25 -17.13 23.08
CA LYS A 39 -4.42 -16.65 22.36
C LYS A 39 -5.04 -15.46 23.06
N TYR A 40 -5.50 -14.49 22.27
CA TYR A 40 -6.13 -13.28 22.79
C TYR A 40 -7.45 -13.09 22.02
N GLU A 41 -8.55 -12.98 22.77
CA GLU A 41 -9.90 -12.95 22.19
C GLU A 41 -10.59 -11.65 22.57
N MET A 42 -11.14 -10.97 21.57
CA MET A 42 -11.83 -9.69 21.75
C MET A 42 -13.19 -9.76 21.08
N TYR A 43 -14.24 -9.58 21.88
CA TYR A 43 -15.61 -9.63 21.38
C TYR A 43 -16.28 -8.27 21.53
N TYR A 44 -17.07 -7.89 20.52
CA TYR A 44 -17.73 -6.60 20.48
C TYR A 44 -19.17 -6.75 20.03
N GLY A 45 -20.06 -5.95 20.63
CA GLY A 45 -21.37 -5.85 20.02
C GLY A 45 -22.25 -7.07 20.23
N LEU A 46 -23.22 -7.22 19.32
CA LEU A 46 -24.33 -8.14 19.47
C LEU A 46 -24.33 -9.17 18.35
N GLN A 47 -24.47 -10.46 18.71
CA GLN A 47 -24.69 -11.47 17.69
C GLN A 47 -26.12 -11.46 17.18
N SER A 48 -27.06 -10.98 17.99
CA SER A 48 -28.42 -10.72 17.53
C SER A 48 -28.88 -9.39 18.12
N VAL A 49 -29.19 -8.45 17.23
CA VAL A 49 -29.64 -7.13 17.68
C VAL A 49 -30.96 -7.24 18.43
N GLN A 50 -31.94 -7.93 17.83
CA GLN A 50 -33.28 -7.98 18.42
C GLN A 50 -33.30 -8.72 19.75
N ASP A 51 -32.41 -9.69 19.96
CA ASP A 51 -32.39 -10.40 21.22
C ASP A 51 -31.43 -9.79 22.23
N LYS A 52 -30.72 -8.73 21.84
CA LYS A 52 -29.71 -8.11 22.70
C LYS A 52 -28.72 -9.14 23.23
N LYS A 53 -28.32 -10.07 22.36
CA LYS A 53 -27.42 -11.16 22.75
C LYS A 53 -25.99 -10.82 22.36
N ALA A 54 -25.10 -10.74 23.34
CA ALA A 54 -23.74 -10.26 23.13
C ALA A 54 -22.89 -11.28 22.37
N VAL A 55 -22.01 -10.77 21.49
CA VAL A 55 -21.01 -11.62 20.86
C VAL A 55 -20.10 -12.17 21.95
N ASN A 56 -19.74 -13.46 21.84
CA ASN A 56 -18.91 -14.10 22.87
C ASN A 56 -18.24 -15.33 22.27
N SER A 57 -17.50 -16.05 23.13
CA SER A 57 -16.70 -17.19 22.66
C SER A 57 -17.55 -18.29 22.03
N SER A 58 -18.86 -18.33 22.33
CA SER A 58 -19.74 -19.34 21.75
C SER A 58 -20.41 -18.89 20.45
N THR A 59 -20.28 -17.62 20.08
CA THR A 59 -20.98 -17.12 18.89
C THR A 59 -20.49 -17.81 17.63
N ILE A 60 -21.43 -18.33 16.84
CA ILE A 60 -21.14 -19.00 15.56
C ILE A 60 -21.35 -17.99 14.44
N PHE A 61 -20.33 -17.83 13.58
CA PHE A 61 -20.34 -16.94 12.41
C PHE A 61 -20.22 -17.76 11.13
N GLU A 62 -20.78 -17.23 10.04
CA GLU A 62 -20.53 -17.78 8.71
C GLU A 62 -19.18 -17.32 8.17
N LEU A 63 -18.35 -18.27 7.73
CA LEU A 63 -17.01 -17.97 7.23
C LEU A 63 -16.97 -17.58 5.75
N GLY A 64 -18.04 -17.77 5.00
CA GLY A 64 -17.94 -17.50 3.59
C GLY A 64 -16.78 -18.27 2.96
N SER A 65 -16.06 -17.61 2.07
CA SER A 65 -15.02 -18.31 1.30
C SER A 65 -13.80 -18.71 2.14
N VAL A 66 -13.73 -18.30 3.40
CA VAL A 66 -12.71 -18.90 4.25
C VAL A 66 -12.99 -20.41 4.40
N SER A 67 -14.23 -20.84 4.11
CA SER A 67 -14.53 -22.26 4.02
C SER A 67 -13.63 -22.97 3.02
N LYS A 68 -13.19 -22.27 1.96
CA LYS A 68 -12.34 -22.91 0.96
C LYS A 68 -11.03 -23.43 1.57
N LEU A 69 -10.60 -22.85 2.69
CA LEU A 69 -9.41 -23.34 3.36
C LEU A 69 -9.63 -24.76 3.88
N PHE A 70 -10.85 -25.05 4.35
CA PHE A 70 -11.16 -26.39 4.83
C PHE A 70 -11.30 -27.37 3.67
N THR A 71 -11.89 -26.93 2.57
CA THR A 71 -11.91 -27.73 1.35
C THR A 71 -10.51 -28.09 0.91
N ALA A 72 -9.60 -27.12 0.91
CA ALA A 72 -8.23 -27.37 0.50
C ALA A 72 -7.54 -28.35 1.45
N THR A 73 -7.80 -28.22 2.74
CA THR A 73 -7.21 -29.16 3.69
C THR A 73 -7.73 -30.57 3.45
N ALA A 74 -9.03 -30.72 3.20
CA ALA A 74 -9.60 -32.02 2.88
C ALA A 74 -8.94 -32.62 1.65
N GLY A 75 -8.71 -31.81 0.61
CA GLY A 75 -8.06 -32.32 -0.58
C GLY A 75 -6.61 -32.71 -0.33
N GLY A 76 -5.89 -31.89 0.44
CA GLY A 76 -4.55 -32.27 0.86
C GLY A 76 -4.54 -33.57 1.65
N TYR A 77 -5.57 -33.78 2.48
CA TYR A 77 -5.65 -35.00 3.26
C TYR A 77 -5.88 -36.22 2.36
N ALA A 78 -6.88 -36.12 1.47
CA ALA A 78 -7.13 -37.19 0.52
C ALA A 78 -5.90 -37.49 -0.33
N LYS A 79 -5.20 -36.45 -0.77
CA LYS A 79 -4.04 -36.67 -1.63
C LYS A 79 -2.96 -37.44 -0.89
N ASN A 80 -2.69 -37.06 0.36
CA ASN A 80 -1.61 -37.70 1.09
C ASN A 80 -2.00 -39.07 1.64
N LYS A 81 -3.30 -39.37 1.74
CA LYS A 81 -3.74 -40.72 2.04
C LYS A 81 -3.75 -41.62 0.81
N GLY A 82 -3.42 -41.09 -0.37
CA GLY A 82 -3.46 -41.88 -1.59
C GLY A 82 -4.82 -42.06 -2.22
N LYS A 83 -5.83 -41.30 -1.79
CA LYS A 83 -7.17 -41.42 -2.33
C LYS A 83 -7.35 -40.66 -3.64
N ILE A 84 -6.52 -39.64 -3.88
CA ILE A 84 -6.52 -38.87 -5.12
C ILE A 84 -5.07 -38.51 -5.45
N SER A 85 -4.84 -38.20 -6.72
CA SER A 85 -3.66 -37.48 -7.19
C SER A 85 -4.14 -36.17 -7.77
N PHE A 86 -3.37 -35.09 -7.57
CA PHE A 86 -3.79 -33.80 -8.12
C PHE A 86 -3.72 -33.76 -9.64
N ASP A 87 -3.06 -34.75 -10.27
CA ASP A 87 -3.05 -34.89 -11.72
C ASP A 87 -4.27 -35.62 -12.26
N ASP A 88 -5.09 -36.19 -11.39
CA ASP A 88 -6.30 -36.85 -11.87
C ASP A 88 -7.28 -35.82 -12.42
N THR A 89 -8.22 -36.31 -13.22
CA THR A 89 -9.32 -35.50 -13.68
C THR A 89 -10.63 -35.94 -13.03
N PRO A 90 -11.65 -35.07 -13.02
CA PRO A 90 -12.83 -35.34 -12.19
C PRO A 90 -13.60 -36.59 -12.58
N GLY A 91 -13.57 -36.99 -13.86
CA GLY A 91 -14.29 -38.18 -14.31
C GLY A 91 -13.76 -39.49 -13.76
N LYS A 92 -12.55 -39.49 -13.21
CA LYS A 92 -12.07 -40.68 -12.53
C LYS A 92 -12.89 -40.99 -11.28
N TYR A 93 -13.54 -39.97 -10.69
CA TYR A 93 -14.29 -40.12 -9.46
C TYR A 93 -15.78 -39.89 -9.63
N TRP A 94 -16.16 -38.86 -10.38
CA TRP A 94 -17.55 -38.61 -10.74
C TRP A 94 -17.73 -39.18 -12.14
N LYS A 95 -18.18 -40.45 -12.21
CA LYS A 95 -18.08 -41.23 -13.44
C LYS A 95 -18.89 -40.62 -14.58
N GLU A 96 -19.98 -39.92 -14.27
CA GLU A 96 -20.81 -39.31 -15.31
C GLU A 96 -20.10 -38.18 -16.04
N LEU A 97 -18.96 -37.71 -15.53
CA LEU A 97 -18.16 -36.71 -16.21
C LEU A 97 -17.08 -37.30 -17.12
N LYS A 98 -16.89 -38.62 -17.08
CA LYS A 98 -15.93 -39.27 -17.97
C LYS A 98 -16.21 -38.92 -19.42
N ASN A 99 -15.15 -38.58 -20.17
CA ASN A 99 -15.21 -38.25 -21.59
C ASN A 99 -15.98 -36.97 -21.88
N THR A 100 -16.23 -36.14 -20.90
CA THR A 100 -16.75 -34.82 -21.20
C THR A 100 -15.60 -33.83 -21.23
N PRO A 101 -15.81 -32.64 -21.80
CA PRO A 101 -14.71 -31.67 -21.86
C PRO A 101 -14.13 -31.34 -20.50
N ILE A 102 -14.95 -31.26 -19.45
CA ILE A 102 -14.39 -30.87 -18.16
C ILE A 102 -13.44 -31.94 -17.63
N ASP A 103 -13.55 -33.17 -18.13
CA ASP A 103 -12.63 -34.24 -17.74
C ASP A 103 -11.22 -34.07 -18.35
N GLN A 104 -10.95 -32.95 -19.03
CA GLN A 104 -9.60 -32.58 -19.43
C GLN A 104 -8.90 -31.70 -18.40
N VAL A 105 -9.61 -31.26 -17.35
CA VAL A 105 -9.08 -30.38 -16.31
C VAL A 105 -8.66 -31.25 -15.13
N ASN A 106 -7.47 -31.01 -14.57
CA ASN A 106 -7.06 -31.84 -13.44
C ASN A 106 -7.47 -31.20 -12.11
N LEU A 107 -7.33 -31.98 -11.04
CA LEU A 107 -7.89 -31.58 -9.76
C LEU A 107 -7.20 -30.33 -9.22
N LEU A 108 -5.91 -30.17 -9.45
CA LEU A 108 -5.22 -28.96 -8.97
C LEU A 108 -5.76 -27.73 -9.68
N GLN A 109 -5.98 -27.83 -10.99
CA GLN A 109 -6.50 -26.72 -11.77
C GLN A 109 -7.89 -26.33 -11.31
N LEU A 110 -8.74 -27.31 -10.96
CA LEU A 110 -10.03 -26.98 -10.36
C LEU A 110 -9.85 -26.28 -9.03
N ALA A 111 -8.98 -26.81 -8.16
CA ALA A 111 -8.85 -26.23 -6.84
C ALA A 111 -8.26 -24.82 -6.88
N THR A 112 -7.44 -24.51 -7.90
CA THR A 112 -6.78 -23.22 -7.98
C THR A 112 -7.29 -22.36 -9.15
N TYR A 113 -8.49 -22.68 -9.66
CA TYR A 113 -9.26 -21.76 -10.47
C TYR A 113 -8.72 -21.56 -11.89
N THR A 114 -8.08 -22.55 -12.50
CA THR A 114 -7.50 -22.34 -13.83
C THR A 114 -8.13 -23.21 -14.92
N SER A 115 -9.39 -23.61 -14.77
CA SER A 115 -10.05 -24.36 -15.84
C SER A 115 -10.11 -23.53 -17.14
N GLY A 116 -10.11 -22.21 -17.03
CA GLY A 116 -10.19 -21.36 -18.18
C GLY A 116 -11.59 -21.00 -18.61
N ASN A 117 -12.63 -21.52 -17.93
CA ASN A 117 -14.00 -21.11 -18.25
C ASN A 117 -14.97 -21.41 -17.12
N LEU A 118 -14.70 -20.90 -15.92
CA LEU A 118 -15.60 -21.08 -14.79
C LEU A 118 -15.70 -19.76 -14.03
N ALA A 119 -16.91 -19.23 -13.93
CA ALA A 119 -17.16 -17.91 -13.36
C ALA A 119 -17.20 -17.98 -11.83
N LEU A 120 -17.43 -16.82 -11.22
CA LEU A 120 -17.44 -16.74 -9.76
C LEU A 120 -18.55 -17.61 -9.16
N GLN A 121 -19.76 -17.53 -9.72
CA GLN A 121 -20.91 -18.27 -9.22
C GLN A 121 -21.42 -19.25 -10.27
N PHE A 122 -22.06 -20.32 -9.81
CA PHE A 122 -22.99 -21.08 -10.65
C PHE A 122 -24.05 -20.17 -11.22
N PRO A 123 -24.63 -20.49 -12.38
CA PRO A 123 -25.82 -19.75 -12.82
C PRO A 123 -26.91 -19.77 -11.75
N ASP A 124 -27.69 -18.69 -11.72
CA ASP A 124 -28.76 -18.58 -10.74
C ASP A 124 -29.67 -19.80 -10.73
N GLU A 125 -29.93 -20.39 -11.90
CA GLU A 125 -30.92 -21.45 -12.01
C GLU A 125 -30.35 -22.84 -11.74
N VAL A 126 -29.05 -22.97 -11.53
CA VAL A 126 -28.47 -24.25 -11.15
C VAL A 126 -28.67 -24.42 -9.64
N LYS A 127 -29.55 -25.34 -9.25
CA LYS A 127 -29.88 -25.50 -7.84
C LYS A 127 -29.82 -26.97 -7.40
N THR A 128 -30.43 -27.87 -8.16
CA THR A 128 -30.48 -29.27 -7.75
C THR A 128 -29.18 -30.00 -8.09
N ASP A 129 -29.02 -31.18 -7.49
CA ASP A 129 -27.88 -32.04 -7.82
C ASP A 129 -27.83 -32.37 -9.31
N GLN A 130 -28.98 -32.69 -9.90
CA GLN A 130 -29.00 -33.01 -11.32
C GLN A 130 -28.62 -31.79 -12.16
N GLN A 131 -29.02 -30.59 -11.73
CA GLN A 131 -28.66 -29.39 -12.47
C GLN A 131 -27.17 -29.10 -12.40
N VAL A 132 -26.54 -29.41 -11.27
CA VAL A 132 -25.09 -29.23 -11.15
C VAL A 132 -24.37 -30.20 -12.08
N LEU A 133 -24.80 -31.47 -12.07
CA LEU A 133 -24.22 -32.42 -13.01
C LEU A 133 -24.40 -31.96 -14.45
N THR A 134 -25.62 -31.56 -14.81
CA THR A 134 -25.85 -31.07 -16.17
C THR A 134 -24.97 -29.87 -16.50
N PHE A 135 -24.78 -28.97 -15.54
CA PHE A 135 -23.91 -27.81 -15.78
C PHE A 135 -22.50 -28.24 -16.15
N PHE A 136 -21.93 -29.20 -15.41
CA PHE A 136 -20.58 -29.63 -15.75
C PHE A 136 -20.54 -30.49 -17.01
N LYS A 137 -21.59 -31.28 -17.28
CA LYS A 137 -21.60 -32.01 -18.55
C LYS A 137 -21.68 -31.08 -19.74
N ASP A 138 -22.34 -29.93 -19.58
CA ASP A 138 -22.49 -28.96 -20.66
C ASP A 138 -21.31 -28.00 -20.75
N TRP A 139 -20.31 -28.18 -19.90
CA TRP A 139 -19.18 -27.25 -19.85
C TRP A 139 -18.28 -27.46 -21.06
N LYS A 140 -17.83 -26.35 -21.64
CA LYS A 140 -16.83 -26.43 -22.69
C LYS A 140 -15.72 -25.43 -22.39
N PRO A 141 -14.51 -25.71 -22.87
CA PRO A 141 -13.39 -24.83 -22.57
C PRO A 141 -13.51 -23.50 -23.31
N LYS A 142 -12.85 -22.50 -22.75
CA LYS A 142 -12.71 -21.21 -23.41
C LYS A 142 -11.21 -20.91 -23.52
N ASN A 143 -10.65 -20.29 -22.49
CA ASN A 143 -9.21 -20.11 -22.43
C ASN A 143 -8.50 -21.45 -22.33
N SER A 144 -7.24 -21.48 -22.77
N SER A 144 -7.24 -21.48 -22.78
CA SER A 144 -6.43 -22.68 -22.67
CA SER A 144 -6.44 -22.69 -22.66
C SER A 144 -6.35 -23.16 -21.22
C SER A 144 -6.40 -23.15 -21.21
N ILE A 145 -6.59 -24.45 -21.00
CA ILE A 145 -6.65 -24.99 -19.64
C ILE A 145 -5.31 -24.76 -18.94
N GLY A 146 -5.39 -24.30 -17.69
CA GLY A 146 -4.24 -24.13 -16.82
C GLY A 146 -3.53 -22.79 -16.91
N GLU A 147 -3.94 -21.92 -17.84
CA GLU A 147 -3.19 -20.69 -18.07
C GLU A 147 -3.77 -19.46 -17.39
N TYR A 148 -5.06 -19.45 -17.09
CA TYR A 148 -5.73 -18.25 -16.58
C TYR A 148 -6.42 -18.55 -15.27
N ARG A 149 -6.18 -17.71 -14.27
CA ARG A 149 -6.86 -17.81 -12.99
C ARG A 149 -8.14 -16.98 -13.01
N GLN A 150 -9.27 -17.61 -12.70
CA GLN A 150 -10.49 -16.86 -12.39
C GLN A 150 -11.14 -17.46 -11.15
N TYR A 151 -11.09 -16.70 -10.05
CA TYR A 151 -11.72 -17.06 -8.78
C TYR A 151 -13.13 -17.55 -8.99
N SER A 152 -13.43 -18.76 -8.51
CA SER A 152 -14.64 -19.45 -8.95
C SER A 152 -15.14 -20.42 -7.89
N ASN A 153 -16.40 -20.23 -7.44
CA ASN A 153 -17.04 -21.21 -6.57
C ASN A 153 -17.27 -22.55 -7.26
N PRO A 154 -17.82 -22.60 -8.48
CA PRO A 154 -17.99 -23.92 -9.12
C PRO A 154 -16.68 -24.66 -9.30
N SER A 155 -15.58 -23.94 -9.54
CA SER A 155 -14.29 -24.61 -9.73
C SER A 155 -13.87 -25.37 -8.49
N ILE A 156 -13.73 -24.68 -7.36
CA ILE A 156 -13.30 -25.38 -6.15
C ILE A 156 -14.43 -26.20 -5.55
N GLY A 157 -15.69 -25.87 -5.84
CA GLY A 157 -16.79 -26.73 -5.42
C GLY A 157 -16.71 -28.12 -6.03
N LEU A 158 -16.43 -28.19 -7.34
CA LEU A 158 -16.23 -29.48 -7.99
C LEU A 158 -15.03 -30.24 -7.42
N PHE A 159 -13.93 -29.54 -7.15
CA PHE A 159 -12.82 -30.15 -6.45
C PHE A 159 -13.27 -30.77 -5.13
N GLY A 160 -14.03 -30.02 -4.34
CA GLY A 160 -14.51 -30.55 -3.06
C GLY A 160 -15.42 -31.76 -3.26
N LYS A 161 -16.29 -31.70 -4.26
CA LYS A 161 -17.15 -32.86 -4.53
C LYS A 161 -16.32 -34.10 -4.86
N VAL A 162 -15.26 -33.93 -5.67
CA VAL A 162 -14.43 -35.06 -6.04
C VAL A 162 -13.65 -35.57 -4.84
N VAL A 163 -13.20 -34.67 -3.97
CA VAL A 163 -12.48 -35.11 -2.78
C VAL A 163 -13.40 -35.98 -1.93
N ALA A 164 -14.66 -35.57 -1.78
CA ALA A 164 -15.62 -36.36 -1.02
C ALA A 164 -15.86 -37.71 -1.67
N LEU A 165 -16.04 -37.73 -3.01
CA LEU A 165 -16.25 -39.00 -3.69
C LEU A 165 -15.09 -39.95 -3.45
N SER A 166 -13.86 -39.42 -3.49
CA SER A 166 -12.68 -40.26 -3.28
C SER A 166 -12.62 -40.82 -1.87
N MET A 167 -13.31 -40.19 -0.92
CA MET A 167 -13.32 -40.65 0.46
C MET A 167 -14.61 -41.38 0.81
N ASN A 168 -15.48 -41.62 -0.18
CA ASN A 168 -16.69 -42.42 0.00
C ASN A 168 -17.60 -41.84 1.08
N LYS A 169 -17.65 -40.50 1.18
CA LYS A 169 -18.52 -39.82 2.14
C LYS A 169 -19.04 -38.54 1.53
N PRO A 170 -20.24 -38.10 1.91
CA PRO A 170 -20.67 -36.75 1.52
C PRO A 170 -19.71 -35.70 2.07
N PHE A 171 -19.57 -34.60 1.33
CA PHE A 171 -18.59 -33.59 1.72
C PHE A 171 -18.82 -33.07 3.14
N ASP A 172 -20.08 -32.81 3.52
CA ASP A 172 -20.34 -32.33 4.87
C ASP A 172 -19.79 -33.31 5.91
N GLN A 173 -19.89 -34.60 5.63
CA GLN A 173 -19.34 -35.60 6.53
C GLN A 173 -17.82 -35.63 6.48
N VAL A 174 -17.22 -35.35 5.31
CA VAL A 174 -15.76 -35.27 5.27
C VAL A 174 -15.26 -34.23 6.28
N LEU A 175 -15.92 -33.06 6.33
CA LEU A 175 -15.47 -32.04 7.27
C LEU A 175 -15.86 -32.38 8.70
N GLU A 176 -17.13 -32.72 8.93
CA GLU A 176 -17.62 -32.83 10.30
C GLU A 176 -17.18 -34.11 10.98
N LYS A 177 -16.93 -35.18 10.22
CA LYS A 177 -16.49 -36.44 10.81
C LYS A 177 -14.99 -36.68 10.71
N THR A 178 -14.30 -36.05 9.76
CA THR A 178 -12.87 -36.32 9.58
C THR A 178 -12.01 -35.09 9.81
N ILE A 179 -12.23 -34.00 9.10
CA ILE A 179 -11.26 -32.91 9.12
C ILE A 179 -11.40 -32.06 10.39
N PHE A 180 -12.62 -31.64 10.74
CA PHE A 180 -12.77 -30.87 11.98
C PHE A 180 -12.27 -31.65 13.19
N PRO A 181 -12.63 -32.92 13.40
CA PRO A 181 -12.04 -33.64 14.54
C PRO A 181 -10.52 -33.67 14.49
N ALA A 182 -9.95 -33.96 13.32
CA ALA A 182 -8.49 -34.01 13.22
C ALA A 182 -7.85 -32.69 13.60
N LEU A 183 -8.50 -31.57 13.26
CA LEU A 183 -7.98 -30.25 13.62
C LEU A 183 -8.35 -29.82 15.03
N GLY A 184 -9.07 -30.66 15.78
CA GLY A 184 -9.49 -30.30 17.12
C GLY A 184 -10.57 -29.24 17.22
N LEU A 185 -11.46 -29.15 16.22
CA LEU A 185 -12.48 -28.10 16.18
C LEU A 185 -13.82 -28.70 16.59
N LYS A 186 -14.32 -28.30 17.76
CA LYS A 186 -15.53 -28.88 18.31
C LYS A 186 -16.74 -27.97 18.19
N HIS A 187 -16.60 -26.78 17.60
CA HIS A 187 -17.71 -25.85 17.41
C HIS A 187 -17.73 -25.32 15.99
N SER A 188 -17.39 -26.17 15.03
CA SER A 188 -17.39 -25.83 13.61
C SER A 188 -18.31 -26.77 12.85
N TYR A 189 -19.06 -26.22 11.89
CA TYR A 189 -20.16 -26.95 11.25
C TYR A 189 -20.31 -26.57 9.78
N VAL A 190 -20.69 -27.55 8.98
CA VAL A 190 -21.37 -27.26 7.71
C VAL A 190 -22.85 -27.03 7.96
N ASN A 191 -23.45 -27.86 8.80
CA ASN A 191 -24.85 -27.72 9.20
C ASN A 191 -24.90 -27.54 10.71
N VAL A 192 -25.35 -26.39 11.17
CA VAL A 192 -25.40 -26.11 12.61
C VAL A 192 -26.57 -26.90 13.22
N PRO A 193 -26.32 -27.71 14.24
CA PRO A 193 -27.40 -28.52 14.82
C PRO A 193 -28.38 -27.66 15.61
N LYS A 194 -29.60 -28.20 15.73
CA LYS A 194 -30.65 -27.51 16.48
C LYS A 194 -30.18 -27.13 17.88
N THR A 195 -29.39 -27.99 18.51
CA THR A 195 -28.92 -27.74 19.88
C THR A 195 -27.93 -26.57 19.95
N GLN A 196 -27.48 -26.05 18.81
CA GLN A 196 -26.56 -24.92 18.76
C GLN A 196 -27.15 -23.70 18.08
N MET A 197 -28.38 -23.78 17.59
CA MET A 197 -28.93 -22.65 16.83
C MET A 197 -28.97 -21.38 17.68
N GLN A 198 -29.12 -21.50 18.99
CA GLN A 198 -29.13 -20.31 19.83
C GLN A 198 -27.81 -19.55 19.78
N ASN A 199 -26.73 -20.23 19.40
CA ASN A 199 -25.42 -19.60 19.29
C ASN A 199 -25.11 -19.08 17.90
N TYR A 200 -25.96 -19.36 16.92
CA TYR A 200 -25.75 -18.92 15.54
C TYR A 200 -26.16 -17.45 15.43
N ALA A 201 -25.18 -16.57 15.18
CA ALA A 201 -25.48 -15.16 15.01
C ALA A 201 -26.44 -14.95 13.85
N PHE A 202 -27.25 -13.89 13.96
CA PHE A 202 -27.82 -13.31 12.77
C PHE A 202 -26.71 -12.63 11.96
N GLY A 203 -26.76 -12.81 10.63
CA GLY A 203 -26.05 -11.91 9.76
C GLY A 203 -26.90 -10.69 9.48
N TYR A 204 -26.28 -9.62 8.99
CA TYR A 204 -27.00 -8.38 8.72
C TYR A 204 -26.62 -7.86 7.35
N ASN A 205 -27.63 -7.57 6.53
CA ASN A 205 -27.40 -7.14 5.16
C ASN A 205 -27.12 -5.63 5.15
N GLN A 206 -27.05 -5.04 3.95
CA GLN A 206 -26.66 -3.65 3.88
C GLN A 206 -27.72 -2.70 4.44
N GLU A 207 -28.96 -3.18 4.64
CA GLU A 207 -30.02 -2.43 5.30
C GLU A 207 -30.11 -2.78 6.79
N ASN A 208 -29.10 -3.47 7.32
CA ASN A 208 -29.03 -3.94 8.71
C ASN A 208 -30.24 -4.79 9.08
N GLN A 209 -30.72 -5.59 8.12
CA GLN A 209 -31.79 -6.55 8.33
C GLN A 209 -31.22 -7.94 8.60
N PRO A 210 -31.80 -8.67 9.57
CA PRO A 210 -31.20 -9.96 9.95
C PRO A 210 -31.44 -11.01 8.89
N ILE A 211 -30.39 -11.78 8.59
CA ILE A 211 -30.41 -12.79 7.53
C ILE A 211 -29.39 -13.88 7.87
N ARG A 212 -29.53 -15.04 7.23
CA ARG A 212 -28.50 -16.08 7.28
C ARG A 212 -28.37 -16.70 5.89
N VAL A 213 -27.26 -17.42 5.68
CA VAL A 213 -26.95 -17.92 4.34
C VAL A 213 -28.04 -18.89 3.89
N ASN A 214 -28.34 -18.85 2.59
CA ASN A 214 -29.34 -19.73 1.99
C ASN A 214 -28.67 -20.90 1.25
N PRO A 215 -29.40 -22.00 1.05
CA PRO A 215 -28.82 -23.12 0.28
C PRO A 215 -28.42 -22.69 -1.13
N GLY A 216 -27.34 -23.30 -1.61
CA GLY A 216 -26.93 -23.12 -2.99
C GLY A 216 -26.12 -24.30 -3.50
N PRO A 217 -25.88 -24.34 -4.81
CA PRO A 217 -25.16 -25.48 -5.41
C PRO A 217 -23.72 -25.54 -4.93
N LEU A 218 -23.30 -26.74 -4.49
CA LEU A 218 -21.99 -26.97 -3.90
C LEU A 218 -21.63 -25.87 -2.91
N ASP A 219 -22.63 -25.42 -2.13
CA ASP A 219 -22.36 -24.38 -1.15
C ASP A 219 -21.32 -24.84 -0.11
N ALA A 220 -21.42 -26.07 0.37
CA ALA A 220 -20.56 -26.49 1.48
C ALA A 220 -19.07 -26.29 1.16
N PRO A 221 -18.54 -26.85 0.07
CA PRO A 221 -17.08 -26.68 -0.20
C PRO A 221 -16.70 -25.27 -0.61
N ALA A 222 -17.63 -24.46 -1.14
CA ALA A 222 -17.28 -23.13 -1.62
C ALA A 222 -17.35 -22.08 -0.51
N TYR A 223 -18.39 -22.15 0.33
CA TYR A 223 -18.57 -21.06 1.30
C TYR A 223 -19.43 -21.48 2.49
N GLY A 224 -19.59 -22.76 2.80
CA GLY A 224 -20.62 -23.19 3.73
C GLY A 224 -20.25 -23.58 5.16
N VAL A 225 -19.09 -23.19 5.68
CA VAL A 225 -18.70 -23.52 7.04
C VAL A 225 -19.05 -22.38 7.99
N LYS A 226 -19.48 -22.74 9.20
CA LYS A 226 -19.73 -21.82 10.30
C LYS A 226 -18.81 -22.20 11.46
N SER A 227 -18.31 -21.20 12.18
CA SER A 227 -17.35 -21.49 13.25
C SER A 227 -17.35 -20.35 14.26
N THR A 228 -16.62 -20.57 15.35
CA THR A 228 -16.48 -19.63 16.45
C THR A 228 -15.07 -19.05 16.45
N LEU A 229 -14.86 -17.96 17.19
CA LEU A 229 -13.51 -17.41 17.28
C LEU A 229 -12.52 -18.38 17.88
N PRO A 230 -12.83 -19.08 18.98
CA PRO A 230 -11.83 -20.03 19.51
C PRO A 230 -11.47 -21.12 18.50
N ASP A 231 -12.45 -21.65 17.77
CA ASP A 231 -12.12 -22.67 16.76
C ASP A 231 -11.23 -22.10 15.66
N MET A 232 -11.51 -20.87 15.22
CA MET A 232 -10.69 -20.30 14.16
C MET A 232 -9.28 -19.99 14.64
N LEU A 233 -9.12 -19.60 15.91
CA LEU A 233 -7.76 -19.48 16.46
C LEU A 233 -7.07 -20.83 16.52
N SER A 234 -7.80 -21.91 16.86
CA SER A 234 -7.19 -23.24 16.80
C SER A 234 -6.79 -23.60 15.37
N PHE A 235 -7.62 -23.23 14.39
CA PHE A 235 -7.26 -23.49 13.00
C PHE A 235 -6.00 -22.75 12.59
N ILE A 236 -5.88 -21.47 12.99
CA ILE A 236 -4.64 -20.75 12.76
C ILE A 236 -3.48 -21.46 13.48
N HIS A 237 -3.71 -21.91 14.71
N HIS A 237 -3.71 -21.91 14.71
CA HIS A 237 -2.68 -22.64 15.45
CA HIS A 237 -2.65 -22.63 15.42
C HIS A 237 -2.21 -23.86 14.66
C HIS A 237 -2.20 -23.85 14.66
N ALA A 238 -3.14 -24.61 14.07
CA ALA A 238 -2.77 -25.77 13.28
C ALA A 238 -1.92 -25.39 12.07
N ASN A 239 -2.27 -24.26 11.42
CA ASN A 239 -1.47 -23.81 10.28
C ASN A 239 -0.09 -23.27 10.69
N LEU A 240 0.04 -22.73 11.91
CA LEU A 240 1.35 -22.32 12.41
C LEU A 240 2.20 -23.48 12.90
N ASN A 241 1.58 -24.61 13.27
CA ASN A 241 2.32 -25.71 13.89
C ASN A 241 1.85 -27.05 13.32
N PRO A 242 2.00 -27.26 12.02
CA PRO A 242 1.48 -28.50 11.43
C PRO A 242 2.20 -29.74 11.94
N GLN A 243 3.47 -29.60 12.32
CA GLN A 243 4.24 -30.69 12.92
C GLN A 243 3.66 -31.16 14.26
N LYS A 244 2.52 -30.64 14.72
CA LYS A 244 1.89 -31.07 15.96
C LYS A 244 0.64 -31.92 15.71
N TYR A 245 0.45 -32.40 14.49
CA TYR A 245 -0.68 -33.22 14.09
C TYR A 245 -0.16 -34.50 13.46
N PRO A 246 -0.98 -35.55 13.41
CA PRO A 246 -0.52 -36.81 12.83
C PRO A 246 -0.10 -36.61 11.37
N ALA A 247 0.70 -37.58 10.89
CA ALA A 247 1.37 -37.43 9.60
C ALA A 247 0.43 -37.02 8.47
N ASP A 248 -0.75 -37.64 8.39
N ASP A 248 -0.75 -37.64 8.41
CA ASP A 248 -1.63 -37.35 7.26
CA ASP A 248 -1.68 -37.39 7.31
C ASP A 248 -2.22 -35.94 7.34
C ASP A 248 -2.22 -35.97 7.35
N ILE A 249 -2.58 -35.48 8.54
CA ILE A 249 -3.11 -34.13 8.69
C ILE A 249 -2.00 -33.09 8.57
N GLN A 250 -0.82 -33.39 9.12
CA GLN A 250 0.34 -32.53 8.92
C GLN A 250 0.61 -32.32 7.44
N ARG A 251 0.74 -33.41 6.68
CA ARG A 251 1.00 -33.27 5.25
C ARG A 251 -0.14 -32.54 4.55
N ALA A 252 -1.38 -32.75 4.99
CA ALA A 252 -2.51 -32.05 4.39
C ALA A 252 -2.39 -30.55 4.60
N ILE A 253 -2.02 -30.13 5.81
CA ILE A 253 -1.87 -28.70 6.06
C ILE A 253 -0.73 -28.11 5.22
N ASN A 254 0.40 -28.81 5.16
CA ASN A 254 1.52 -28.35 4.34
C ASN A 254 1.13 -28.28 2.87
N GLU A 255 0.26 -29.18 2.42
CA GLU A 255 -0.24 -29.10 1.05
C GLU A 255 -0.90 -27.75 0.78
N THR A 256 -1.69 -27.24 1.76
CA THR A 256 -2.37 -25.96 1.57
C THR A 256 -1.42 -24.78 1.61
N HIS A 257 -0.18 -24.96 2.08
CA HIS A 257 0.81 -23.90 2.12
C HIS A 257 1.69 -23.83 0.89
N GLN A 258 1.62 -24.83 0.01
CA GLN A 258 2.54 -24.89 -1.13
C GLN A 258 2.01 -23.99 -2.25
N GLY A 259 2.74 -22.92 -2.53
CA GLY A 259 2.41 -22.10 -3.68
C GLY A 259 2.45 -22.91 -4.97
N ARG A 260 1.51 -22.61 -5.87
CA ARG A 260 1.37 -23.36 -7.12
C ARG A 260 1.70 -22.54 -8.35
N TYR A 261 1.36 -21.25 -8.34
CA TYR A 261 1.70 -20.34 -9.42
C TYR A 261 1.57 -18.93 -8.85
N GLN A 262 1.94 -17.93 -9.63
CA GLN A 262 1.83 -16.54 -9.22
C GLN A 262 0.94 -15.76 -10.17
N VAL A 263 0.29 -14.74 -9.62
CA VAL A 263 -0.21 -13.63 -10.42
C VAL A 263 0.44 -12.39 -9.82
N ASN A 264 1.49 -11.90 -10.47
CA ASN A 264 2.31 -10.81 -9.94
C ASN A 264 2.83 -11.17 -8.56
N THR A 265 2.54 -10.31 -7.56
CA THR A 265 3.07 -10.55 -6.20
C THR A 265 2.28 -11.58 -5.41
N MET A 266 1.13 -12.04 -5.89
CA MET A 266 0.35 -13.04 -5.15
C MET A 266 0.70 -14.45 -5.58
N TYR A 267 0.94 -15.32 -4.61
CA TYR A 267 1.10 -16.75 -4.82
C TYR A 267 -0.20 -17.47 -4.50
N GLN A 268 -0.70 -18.25 -5.45
CA GLN A 268 -1.89 -19.06 -5.20
C GLN A 268 -1.44 -20.40 -4.62
N ALA A 269 -1.70 -20.60 -3.34
CA ALA A 269 -1.53 -21.92 -2.75
C ALA A 269 -2.88 -22.65 -2.84
N LEU A 270 -3.07 -23.72 -2.07
CA LEU A 270 -4.33 -24.47 -2.09
C LEU A 270 -5.27 -23.79 -1.09
N GLY A 271 -6.24 -23.02 -1.61
CA GLY A 271 -7.11 -22.23 -0.76
C GLY A 271 -6.44 -20.94 -0.29
N TRP A 272 -5.35 -21.07 0.46
CA TRP A 272 -4.65 -19.89 0.95
C TRP A 272 -4.08 -19.07 -0.20
N GLU A 273 -4.07 -17.75 -0.03
CA GLU A 273 -3.21 -16.86 -0.79
C GLU A 273 -1.92 -16.66 -0.01
N GLU A 274 -0.81 -16.57 -0.72
CA GLU A 274 0.51 -16.58 -0.11
C GLU A 274 1.33 -15.40 -0.61
N PHE A 275 2.18 -14.85 0.26
CA PHE A 275 2.99 -13.69 -0.10
C PHE A 275 4.36 -13.77 0.55
N SER A 276 5.36 -13.19 -0.12
CA SER A 276 6.65 -12.97 0.52
C SER A 276 6.47 -12.03 1.70
N TYR A 277 7.15 -12.34 2.82
CA TYR A 277 7.06 -11.55 4.03
C TYR A 277 8.41 -10.94 4.41
N PRO A 278 8.43 -9.66 4.82
CA PRO A 278 7.31 -8.73 4.97
C PRO A 278 6.68 -8.35 3.64
N ALA A 279 5.35 -8.20 3.63
CA ALA A 279 4.59 -7.81 2.45
C ALA A 279 4.20 -6.34 2.60
N THR A 280 4.28 -5.58 1.50
CA THR A 280 3.79 -4.21 1.55
C THR A 280 2.26 -4.26 1.63
N LEU A 281 1.69 -3.19 2.21
CA LEU A 281 0.24 -3.11 2.24
C LEU A 281 -0.36 -3.24 0.85
N GLN A 282 0.25 -2.58 -0.14
CA GLN A 282 -0.32 -2.59 -1.48
C GLN A 282 -0.28 -3.99 -2.09
N THR A 283 0.74 -4.78 -1.78
CA THR A 283 0.73 -6.18 -2.22
C THR A 283 -0.51 -6.89 -1.71
N LEU A 284 -0.82 -6.73 -0.42
CA LEU A 284 -1.98 -7.38 0.15
C LEU A 284 -3.27 -6.82 -0.42
N LEU A 285 -3.33 -5.51 -0.62
CA LEU A 285 -4.53 -4.91 -1.24
C LEU A 285 -4.70 -5.36 -2.70
N ASP A 286 -3.60 -5.45 -3.45
CA ASP A 286 -3.70 -5.90 -4.84
C ASP A 286 -4.36 -7.26 -4.93
N SER A 287 -4.10 -8.12 -3.95
CA SER A 287 -4.67 -9.47 -3.99
C SER A 287 -6.18 -9.43 -3.96
N ASN A 288 -6.77 -8.35 -3.45
CA ASN A 288 -8.22 -8.16 -3.40
C ASN A 288 -8.75 -7.21 -4.46
N SER A 289 -7.90 -6.79 -5.41
CA SER A 289 -8.37 -5.86 -6.43
C SER A 289 -9.44 -6.50 -7.32
N GLU A 290 -10.27 -5.66 -7.92
CA GLU A 290 -11.22 -6.17 -8.91
C GLU A 290 -10.51 -6.93 -10.02
N GLN A 291 -9.33 -6.46 -10.44
CA GLN A 291 -8.60 -7.14 -11.50
C GLN A 291 -8.29 -8.58 -11.12
N ILE A 292 -7.91 -8.81 -9.85
CA ILE A 292 -7.52 -10.15 -9.43
C ILE A 292 -8.74 -10.98 -9.08
N VAL A 293 -9.72 -10.39 -8.40
CA VAL A 293 -10.83 -11.18 -7.85
C VAL A 293 -11.88 -11.47 -8.90
N MET A 294 -12.14 -10.54 -9.82
CA MET A 294 -13.30 -10.64 -10.70
C MET A 294 -12.96 -10.98 -12.15
N LYS A 295 -11.71 -10.89 -12.58
CA LYS A 295 -11.36 -11.12 -13.97
C LYS A 295 -10.40 -12.28 -14.12
N PRO A 296 -10.31 -12.88 -15.30
CA PRO A 296 -9.25 -13.85 -15.56
C PRO A 296 -7.90 -13.15 -15.68
N ASN A 297 -6.86 -13.80 -15.17
CA ASN A 297 -5.50 -13.28 -15.24
C ASN A 297 -4.56 -14.41 -15.62
N LYS A 298 -3.68 -14.16 -16.58
CA LYS A 298 -2.70 -15.18 -16.93
C LYS A 298 -1.76 -15.43 -15.75
N VAL A 299 -1.49 -16.71 -15.50
CA VAL A 299 -0.62 -17.09 -14.39
C VAL A 299 0.80 -17.32 -14.91
N THR A 300 1.76 -17.25 -14.00
CA THR A 300 3.15 -17.57 -14.31
C THR A 300 3.70 -18.52 -13.27
N ALA A 301 4.70 -19.31 -13.66
CA ALA A 301 5.35 -20.20 -12.72
C ALA A 301 5.94 -19.41 -11.56
N ILE A 302 6.05 -20.06 -10.42
CA ILE A 302 6.77 -19.44 -9.30
C ILE A 302 8.24 -19.34 -9.67
N SER A 303 8.82 -18.15 -9.49
CA SER A 303 10.25 -17.96 -9.68
C SER A 303 10.95 -17.84 -8.33
N LYS A 304 10.65 -16.81 -7.56
CA LYS A 304 11.12 -16.74 -6.18
C LYS A 304 10.23 -17.61 -5.31
N GLU A 305 10.79 -18.71 -4.79
CA GLU A 305 10.09 -19.50 -3.78
C GLU A 305 10.35 -18.85 -2.42
N PRO A 306 9.39 -18.11 -1.85
CA PRO A 306 9.71 -17.27 -0.68
C PRO A 306 10.02 -18.12 0.55
N SER A 307 11.20 -17.89 1.14
CA SER A 307 11.55 -18.59 2.37
C SER A 307 10.69 -18.07 3.53
N VAL A 308 10.60 -16.75 3.66
CA VAL A 308 9.80 -16.11 4.70
C VAL A 308 8.53 -15.59 4.05
N LYS A 309 7.38 -16.01 4.58
CA LYS A 309 6.13 -15.77 3.87
C LYS A 309 4.98 -15.60 4.85
N MET A 310 3.86 -15.18 4.30
CA MET A 310 2.62 -15.05 5.05
C MET A 310 1.48 -15.50 4.14
N TYR A 311 0.34 -15.78 4.77
CA TYR A 311 -0.83 -16.30 4.08
C TYR A 311 -2.07 -15.56 4.57
N HIS A 312 -3.05 -15.40 3.68
CA HIS A 312 -4.33 -14.86 4.14
C HIS A 312 -5.46 -15.34 3.25
N LYS A 313 -6.68 -15.09 3.73
CA LYS A 313 -7.87 -15.37 2.95
C LYS A 313 -9.01 -14.51 3.47
N THR A 314 -9.74 -13.87 2.55
CA THR A 314 -10.99 -13.19 2.87
C THR A 314 -12.17 -14.12 2.64
N GLY A 315 -13.28 -13.82 3.30
CA GLY A 315 -14.52 -14.53 3.04
C GLY A 315 -15.73 -13.69 3.36
N SER A 316 -16.80 -13.81 2.55
CA SER A 316 -18.05 -13.12 2.82
C SER A 316 -19.23 -14.00 2.44
N THR A 317 -20.31 -13.86 3.20
CA THR A 317 -21.66 -14.20 2.76
C THR A 317 -22.44 -12.90 2.72
N THR A 318 -23.73 -13.00 2.37
CA THR A 318 -24.52 -11.78 2.30
C THR A 318 -24.51 -11.02 3.62
N GLY A 319 -24.39 -11.72 4.74
CA GLY A 319 -24.52 -11.07 6.03
C GLY A 319 -23.32 -11.14 6.97
N PHE A 320 -22.19 -11.67 6.51
CA PHE A 320 -21.04 -11.91 7.37
C PHE A 320 -19.74 -11.57 6.64
N GLY A 321 -18.73 -11.16 7.39
CA GLY A 321 -17.40 -10.98 6.85
C GLY A 321 -16.38 -11.74 7.68
N THR A 322 -15.35 -12.23 7.01
CA THR A 322 -14.27 -13.01 7.63
C THR A 322 -12.93 -12.58 7.04
N TYR A 323 -11.89 -12.60 7.87
CA TYR A 323 -10.53 -12.47 7.37
C TYR A 323 -9.62 -13.26 8.28
N VAL A 324 -8.72 -14.05 7.69
CA VAL A 324 -7.72 -14.80 8.45
C VAL A 324 -6.36 -14.57 7.82
N VAL A 325 -5.33 -14.48 8.66
CA VAL A 325 -3.97 -14.22 8.19
C VAL A 325 -2.99 -14.83 9.18
N PHE A 326 -1.87 -15.37 8.68
CA PHE A 326 -0.86 -15.86 9.61
C PHE A 326 0.53 -15.75 8.99
N ILE A 327 1.51 -15.61 9.87
CA ILE A 327 2.90 -15.35 9.50
C ILE A 327 3.76 -16.38 10.23
N PRO A 328 4.10 -17.51 9.60
CA PRO A 328 4.78 -18.59 10.33
C PRO A 328 6.03 -18.20 11.08
N LYS A 329 6.95 -17.47 10.43
CA LYS A 329 8.23 -17.21 11.09
C LYS A 329 8.11 -16.21 12.23
N GLU A 330 6.99 -15.47 12.30
CA GLU A 330 6.69 -14.63 13.44
C GLU A 330 5.81 -15.32 14.47
N ASN A 331 5.39 -16.56 14.20
CA ASN A 331 4.54 -17.33 15.13
C ASN A 331 3.31 -16.54 15.54
N ILE A 332 2.67 -15.88 14.57
CA ILE A 332 1.54 -14.99 14.84
C ILE A 332 0.46 -15.14 13.78
N GLY A 333 -0.79 -14.97 14.19
CA GLY A 333 -1.89 -14.96 13.25
C GLY A 333 -3.06 -14.17 13.82
N LEU A 334 -4.01 -13.84 12.97
CA LEU A 334 -5.16 -13.05 13.40
C LEU A 334 -6.40 -13.51 12.64
N VAL A 335 -7.55 -13.44 13.33
N VAL A 335 -7.55 -13.42 13.30
CA VAL A 335 -8.87 -13.76 12.78
CA VAL A 335 -8.83 -13.76 12.67
C VAL A 335 -9.80 -12.59 13.04
C VAL A 335 -9.84 -12.68 13.04
N MET A 336 -10.59 -12.21 12.04
CA MET A 336 -11.65 -11.23 12.22
C MET A 336 -12.96 -11.85 11.74
N LEU A 337 -13.99 -11.79 12.57
CA LEU A 337 -15.33 -12.26 12.20
C LEU A 337 -16.33 -11.14 12.47
N THR A 338 -17.20 -10.86 11.49
CA THR A 338 -18.26 -9.87 11.67
C THR A 338 -19.58 -10.43 11.14
N ASN A 339 -20.67 -10.02 11.77
CA ASN A 339 -22.00 -10.35 11.25
C ASN A 339 -22.60 -9.20 10.45
N LYS A 340 -21.73 -8.51 9.70
CA LYS A 340 -22.09 -7.66 8.57
C LYS A 340 -20.85 -7.55 7.69
N ARG A 341 -21.05 -7.57 6.38
N ARG A 341 -21.06 -7.59 6.37
CA ARG A 341 -19.93 -7.40 5.47
CA ARG A 341 -19.94 -7.38 5.47
C ARG A 341 -19.32 -6.02 5.63
C ARG A 341 -19.32 -6.02 5.68
N ILE A 342 -18.00 -5.93 5.57
CA ILE A 342 -17.31 -4.66 5.43
C ILE A 342 -16.28 -4.83 4.32
N PRO A 343 -15.84 -3.73 3.71
CA PRO A 343 -14.95 -3.86 2.54
C PRO A 343 -13.71 -4.67 2.87
N ASN A 344 -13.32 -5.58 1.96
CA ASN A 344 -12.14 -6.40 2.20
C ASN A 344 -10.91 -5.54 2.48
N GLU A 345 -10.79 -4.38 1.81
CA GLU A 345 -9.63 -3.52 2.04
C GLU A 345 -9.52 -3.11 3.50
N GLU A 346 -10.66 -2.83 4.14
CA GLU A 346 -10.63 -2.41 5.55
C GLU A 346 -10.17 -3.55 6.45
N ARG A 347 -10.59 -4.78 6.15
CA ARG A 347 -10.15 -5.94 6.92
C ARG A 347 -8.63 -6.11 6.83
N ILE A 348 -8.10 -6.01 5.61
CA ILE A 348 -6.67 -6.18 5.38
C ILE A 348 -5.88 -5.08 6.07
N LYS A 349 -6.31 -3.82 5.90
CA LYS A 349 -5.62 -2.70 6.53
C LYS A 349 -5.58 -2.85 8.04
N ALA A 350 -6.73 -3.16 8.65
CA ALA A 350 -6.79 -3.22 10.12
C ALA A 350 -5.89 -4.33 10.66
N ALA A 351 -5.90 -5.50 10.03
CA ALA A 351 -5.03 -6.59 10.43
C ALA A 351 -3.56 -6.25 10.23
N TYR A 352 -3.25 -5.58 9.12
CA TYR A 352 -1.87 -5.18 8.87
C TYR A 352 -1.36 -4.23 9.96
N ALA A 353 -2.18 -3.24 10.33
CA ALA A 353 -1.79 -2.32 11.39
C ALA A 353 -1.57 -3.05 12.70
N VAL A 354 -2.47 -3.96 13.07
CA VAL A 354 -2.32 -4.66 14.35
C VAL A 354 -1.08 -5.53 14.32
N LEU A 355 -0.93 -6.35 13.29
CA LEU A 355 0.16 -7.34 13.31
C LEU A 355 1.52 -6.65 13.29
N ASN A 356 1.65 -5.53 12.58
CA ASN A 356 2.94 -4.84 12.50
C ASN A 356 3.27 -4.12 13.81
N ALA A 357 2.25 -3.75 14.60
CA ALA A 357 2.49 -3.00 15.83
C ALA A 357 2.72 -3.88 17.05
N ILE A 358 2.28 -5.14 17.03
CA ILE A 358 2.42 -5.99 18.20
C ILE A 358 3.92 -6.21 18.47
N LYS A 359 4.31 -6.05 19.73
CA LYS A 359 5.72 -6.25 20.10
C LYS A 359 6.11 -7.71 19.94
N LYS A 360 7.29 -7.95 19.40
CA LYS A 360 7.74 -9.29 19.01
C LYS A 360 8.34 -10.07 20.17
N THR B 3 12.98 20.08 -34.86
CA THR B 3 12.92 18.61 -34.97
C THR B 3 14.29 17.95 -34.85
N PRO B 4 15.37 18.62 -35.28
CA PRO B 4 16.70 18.10 -34.95
C PRO B 4 16.98 18.14 -33.47
N LYS B 5 16.44 19.13 -32.76
CA LYS B 5 16.59 19.15 -31.30
C LYS B 5 15.88 17.97 -30.67
N ASP B 6 14.67 17.65 -31.14
CA ASP B 6 13.94 16.53 -30.59
C ASP B 6 14.79 15.27 -30.57
N GLN B 7 15.52 15.01 -31.66
CA GLN B 7 16.30 13.78 -31.74
C GLN B 7 17.60 13.89 -30.95
N GLU B 8 18.30 15.02 -31.03
CA GLU B 8 19.51 15.20 -30.23
C GLU B 8 19.22 14.97 -28.76
N ILE B 9 18.17 15.60 -28.23
CA ILE B 9 17.91 15.48 -26.81
C ILE B 9 17.43 14.08 -26.46
N LYS B 10 16.55 13.50 -27.30
CA LYS B 10 16.13 12.12 -27.08
C LYS B 10 17.34 11.18 -27.01
N LYS B 11 18.33 11.40 -27.87
CA LYS B 11 19.51 10.57 -27.87
C LYS B 11 20.32 10.74 -26.59
N LEU B 12 20.53 11.98 -26.16
CA LEU B 12 21.28 12.24 -24.94
C LEU B 12 20.60 11.60 -23.73
N VAL B 13 19.29 11.77 -23.61
CA VAL B 13 18.57 11.21 -22.47
C VAL B 13 18.53 9.69 -22.55
N ASP B 14 18.31 9.14 -23.75
CA ASP B 14 18.39 7.69 -23.93
C ASP B 14 19.73 7.16 -23.44
N GLN B 15 20.82 7.82 -23.84
CA GLN B 15 22.17 7.33 -23.55
C GLN B 15 22.49 7.41 -22.06
N ASN B 16 22.02 8.45 -21.38
CA ASN B 16 22.41 8.69 -19.99
C ASN B 16 21.41 8.17 -18.98
N PHE B 17 20.12 8.16 -19.29
CA PHE B 17 19.13 7.72 -18.32
C PHE B 17 18.56 6.34 -18.60
N LYS B 18 18.43 5.94 -19.87
CA LYS B 18 17.77 4.65 -20.13
C LYS B 18 18.49 3.49 -19.48
N PRO B 19 19.83 3.41 -19.48
CA PRO B 19 20.49 2.26 -18.84
C PRO B 19 20.20 2.13 -17.35
N LEU B 20 19.84 3.21 -16.67
CA LEU B 20 19.51 3.12 -15.25
C LEU B 20 18.32 2.21 -15.00
N LEU B 21 17.38 2.15 -15.95
CA LEU B 21 16.23 1.25 -15.79
C LEU B 21 16.69 -0.20 -15.63
N GLU B 22 17.54 -0.67 -16.53
CA GLU B 22 18.06 -2.03 -16.41
C GLU B 22 18.96 -2.17 -15.20
N LYS B 23 19.81 -1.17 -14.95
CA LYS B 23 20.79 -1.28 -13.88
C LYS B 23 20.11 -1.43 -12.53
N TYR B 24 19.07 -0.63 -12.26
CA TYR B 24 18.42 -0.66 -10.97
C TYR B 24 17.07 -1.35 -11.02
N ASP B 25 16.72 -1.96 -12.16
CA ASP B 25 15.47 -2.72 -12.28
C ASP B 25 14.26 -1.82 -12.00
N VAL B 26 14.24 -0.66 -12.66
CA VAL B 26 13.22 0.36 -12.44
C VAL B 26 12.07 0.11 -13.42
N PRO B 27 10.83 -0.05 -12.94
CA PRO B 27 9.74 -0.35 -13.89
C PRO B 27 9.45 0.80 -14.84
N GLY B 28 9.46 2.04 -14.36
CA GLY B 28 9.06 3.16 -15.19
C GLY B 28 9.81 4.44 -14.83
N MET B 29 9.93 5.31 -15.82
CA MET B 29 10.69 6.55 -15.65
C MET B 29 10.17 7.58 -16.64
N ALA B 30 10.20 8.84 -16.23
CA ALA B 30 9.92 9.97 -17.11
C ALA B 30 11.04 10.99 -16.92
N VAL B 31 11.65 11.40 -18.02
CA VAL B 31 12.71 12.39 -18.00
C VAL B 31 12.32 13.49 -18.97
N GLY B 32 12.38 14.73 -18.51
CA GLY B 32 12.05 15.87 -19.34
C GLY B 32 13.16 16.89 -19.31
N VAL B 33 13.32 17.58 -20.43
CA VAL B 33 14.25 18.69 -20.57
C VAL B 33 13.45 19.89 -21.06
N ILE B 34 13.78 21.07 -20.53
CA ILE B 34 13.29 22.32 -21.09
C ILE B 34 14.48 23.18 -21.44
N GLN B 35 14.50 23.69 -22.66
CA GLN B 35 15.56 24.57 -23.14
C GLN B 35 14.92 25.66 -23.98
N ASN B 36 15.25 26.91 -23.68
CA ASN B 36 14.76 28.06 -24.45
C ASN B 36 13.26 27.94 -24.67
N ASN B 37 12.54 27.62 -23.61
CA ASN B 37 11.08 27.56 -23.58
C ASN B 37 10.49 26.40 -24.39
N LYS B 38 11.32 25.48 -24.88
CA LYS B 38 10.84 24.27 -25.53
C LYS B 38 10.99 23.07 -24.60
N LYS B 39 9.96 22.22 -24.57
CA LYS B 39 9.91 21.07 -23.70
C LYS B 39 10.10 19.78 -24.48
N TYR B 40 10.82 18.84 -23.89
CA TYR B 40 11.13 17.55 -24.49
C TYR B 40 10.85 16.47 -23.45
N GLU B 41 9.98 15.52 -23.80
CA GLU B 41 9.47 14.53 -22.86
C GLU B 41 9.84 13.13 -23.34
N MET B 42 10.46 12.36 -22.46
CA MET B 42 10.86 10.98 -22.73
C MET B 42 10.26 10.07 -21.66
N TYR B 43 9.52 9.06 -22.10
CA TYR B 43 8.85 8.12 -21.20
C TYR B 43 9.35 6.71 -21.44
N TYR B 44 9.54 5.96 -20.35
CA TYR B 44 10.10 4.62 -20.37
C TYR B 44 9.30 3.70 -19.47
N GLY B 45 9.02 2.49 -19.95
CA GLY B 45 8.56 1.45 -19.06
C GLY B 45 7.12 1.63 -18.57
N LEU B 46 6.88 1.14 -17.35
CA LEU B 46 5.53 0.93 -16.84
C LEU B 46 5.25 1.78 -15.61
N GLN B 47 4.10 2.46 -15.66
CA GLN B 47 3.51 3.14 -14.52
C GLN B 47 2.99 2.14 -13.48
N SER B 48 2.39 1.04 -13.93
CA SER B 48 1.87 -0.01 -13.07
C SER B 48 2.15 -1.37 -13.69
N VAL B 49 2.81 -2.24 -12.92
CA VAL B 49 3.07 -3.60 -13.37
C VAL B 49 1.78 -4.41 -13.42
N GLN B 50 1.02 -4.41 -12.32
CA GLN B 50 -0.23 -5.17 -12.30
C GLN B 50 -1.14 -4.76 -13.45
N ASP B 51 -1.28 -3.46 -13.70
CA ASP B 51 -2.25 -2.99 -14.68
C ASP B 51 -1.63 -2.83 -16.07
N LYS B 52 -0.34 -3.15 -16.22
CA LYS B 52 0.32 -3.17 -17.52
C LYS B 52 0.16 -1.84 -18.25
N LYS B 53 0.34 -0.75 -17.51
CA LYS B 53 0.16 0.60 -18.04
C LYS B 53 1.53 1.24 -18.31
N ALA B 54 1.72 1.76 -19.51
CA ALA B 54 2.95 2.45 -19.86
C ALA B 54 2.97 3.85 -19.25
N VAL B 55 4.14 4.23 -18.72
CA VAL B 55 4.38 5.62 -18.33
C VAL B 55 4.07 6.51 -19.54
N ASN B 56 3.38 7.63 -19.27
CA ASN B 56 2.97 8.53 -20.34
C ASN B 56 2.85 9.93 -19.75
N SER B 57 2.44 10.90 -20.59
CA SER B 57 2.37 12.28 -20.12
C SER B 57 1.31 12.49 -19.05
N SER B 58 0.42 11.53 -18.83
CA SER B 58 -0.55 11.63 -17.74
C SER B 58 -0.09 10.98 -16.45
N THR B 59 1.04 10.27 -16.45
CA THR B 59 1.42 9.50 -15.27
C THR B 59 1.77 10.41 -14.11
N ILE B 60 1.18 10.14 -12.95
CA ILE B 60 1.40 10.91 -11.72
C ILE B 60 2.41 10.16 -10.84
N PHE B 61 3.51 10.83 -10.47
CA PHE B 61 4.56 10.28 -9.62
C PHE B 61 4.58 10.98 -8.26
N GLU B 62 5.05 10.27 -7.24
CA GLU B 62 5.31 10.90 -5.96
C GLU B 62 6.65 11.64 -5.99
N LEU B 63 6.62 12.91 -5.60
CA LEU B 63 7.80 13.76 -5.66
C LEU B 63 8.70 13.69 -4.43
N GLY B 64 8.24 13.10 -3.33
CA GLY B 64 9.04 13.11 -2.11
C GLY B 64 9.42 14.53 -1.70
N SER B 65 10.68 14.71 -1.28
CA SER B 65 11.09 15.99 -0.75
C SER B 65 11.15 17.10 -1.81
N VAL B 66 10.99 16.78 -3.09
CA VAL B 66 10.80 17.88 -4.04
C VAL B 66 9.49 18.62 -3.76
N SER B 67 8.58 18.00 -2.99
CA SER B 67 7.40 18.70 -2.49
C SER B 67 7.78 19.97 -1.73
N LYS B 68 8.95 19.95 -1.06
CA LYS B 68 9.39 21.10 -0.27
C LYS B 68 9.52 22.35 -1.12
N LEU B 69 9.82 22.19 -2.42
CA LEU B 69 9.90 23.34 -3.31
C LEU B 69 8.54 24.02 -3.44
N PHE B 70 7.45 23.25 -3.41
CA PHE B 70 6.12 23.84 -3.46
C PHE B 70 5.74 24.48 -2.13
N THR B 71 6.14 23.87 -1.02
CA THR B 71 5.95 24.52 0.28
C THR B 71 6.70 25.84 0.35
N ALA B 72 7.94 25.85 -0.15
CA ALA B 72 8.71 27.09 -0.19
C ALA B 72 8.04 28.13 -1.06
N THR B 73 7.49 27.72 -2.22
CA THR B 73 6.80 28.67 -3.08
C THR B 73 5.56 29.23 -2.39
N ALA B 74 4.84 28.38 -1.66
CA ALA B 74 3.66 28.85 -0.95
C ALA B 74 4.03 29.86 0.13
N GLY B 75 5.14 29.63 0.83
CA GLY B 75 5.60 30.59 1.83
C GLY B 75 6.05 31.91 1.20
N GLY B 76 6.75 31.84 0.07
CA GLY B 76 7.11 33.06 -0.64
C GLY B 76 5.88 33.82 -1.11
N TYR B 77 4.85 33.09 -1.55
CA TYR B 77 3.60 33.70 -1.94
C TYR B 77 2.94 34.43 -0.78
N ALA B 78 2.82 33.75 0.36
CA ALA B 78 2.18 34.35 1.53
C ALA B 78 2.95 35.57 2.02
N LYS B 79 4.28 35.51 2.00
CA LYS B 79 5.07 36.63 2.51
C LYS B 79 4.87 37.86 1.65
N ASN B 80 4.96 37.69 0.34
CA ASN B 80 4.88 38.85 -0.53
C ASN B 80 3.45 39.38 -0.64
N LYS B 81 2.46 38.59 -0.25
CA LYS B 81 1.10 39.13 -0.11
C LYS B 81 0.86 39.78 1.25
N GLY B 82 1.88 39.82 2.11
CA GLY B 82 1.75 40.40 3.43
C GLY B 82 1.04 39.55 4.45
N LYS B 83 0.85 38.25 4.16
CA LYS B 83 0.15 37.37 5.09
C LYS B 83 1.05 36.88 6.21
N ILE B 84 2.35 36.73 5.95
CA ILE B 84 3.35 36.41 6.95
C ILE B 84 4.56 37.30 6.72
N SER B 85 5.36 37.46 7.77
CA SER B 85 6.74 37.88 7.67
C SER B 85 7.62 36.70 8.02
N PHE B 86 8.75 36.54 7.31
CA PHE B 86 9.66 35.48 7.69
C PHE B 86 10.31 35.75 9.05
N ASP B 87 10.13 36.95 9.61
CA ASP B 87 10.59 37.25 10.96
C ASP B 87 9.56 36.89 12.02
N ASP B 88 8.37 36.48 11.62
CA ASP B 88 7.34 36.02 12.54
C ASP B 88 7.74 34.67 13.14
N THR B 89 7.06 34.31 14.23
CA THR B 89 7.24 33.03 14.90
C THR B 89 5.92 32.24 14.86
N PRO B 90 5.98 30.91 15.01
CA PRO B 90 4.78 30.11 14.68
C PRO B 90 3.60 30.36 15.61
N GLY B 91 3.84 30.75 16.86
CA GLY B 91 2.76 31.05 17.78
C GLY B 91 1.93 32.26 17.41
N LYS B 92 2.40 33.08 16.47
CA LYS B 92 1.56 34.15 15.95
C LYS B 92 0.38 33.61 15.17
N TYR B 93 0.48 32.41 14.62
CA TYR B 93 -0.54 31.84 13.76
C TYR B 93 -1.18 30.59 14.34
N TRP B 94 -0.39 29.72 14.96
CA TRP B 94 -0.89 28.55 15.66
C TRP B 94 -0.93 28.92 17.14
N LYS B 95 -2.10 29.35 17.60
CA LYS B 95 -2.20 30.05 18.88
C LYS B 95 -1.78 29.18 20.05
N GLU B 96 -1.97 27.87 19.95
CA GLU B 96 -1.57 26.99 21.04
C GLU B 96 -0.05 26.98 21.25
N LEU B 97 0.72 27.47 20.27
CA LEU B 97 2.17 27.54 20.43
C LEU B 97 2.67 28.89 20.97
N LYS B 98 1.77 29.84 21.20
CA LYS B 98 2.21 31.16 21.67
C LYS B 98 2.99 31.04 22.97
N ASN B 99 4.15 31.69 23.01
CA ASN B 99 4.98 31.80 24.20
C ASN B 99 5.54 30.46 24.67
N THR B 100 5.54 29.46 23.81
CA THR B 100 6.29 28.23 24.07
C THR B 100 7.70 28.37 23.53
N PRO B 101 8.62 27.49 23.95
CA PRO B 101 9.99 27.59 23.43
C PRO B 101 10.07 27.63 21.91
N ILE B 102 9.27 26.83 21.20
CA ILE B 102 9.34 26.83 19.74
C ILE B 102 8.93 28.19 19.18
N ASP B 103 8.18 28.99 19.95
CA ASP B 103 7.76 30.31 19.51
C ASP B 103 8.91 31.32 19.54
N GLN B 104 10.14 30.88 19.85
CA GLN B 104 11.33 31.71 19.73
C GLN B 104 12.04 31.48 18.41
N VAL B 105 11.62 30.49 17.63
CA VAL B 105 12.19 30.21 16.31
C VAL B 105 11.34 30.92 15.27
N ASN B 106 11.99 31.59 14.31
CA ASN B 106 11.19 32.29 13.30
C ASN B 106 10.96 31.42 12.06
N LEU B 107 10.09 31.91 11.18
CA LEU B 107 9.62 31.07 10.09
C LEU B 107 10.73 30.74 9.09
N LEU B 108 11.64 31.69 8.83
CA LEU B 108 12.76 31.41 7.94
C LEU B 108 13.62 30.29 8.50
N GLN B 109 13.84 30.31 9.80
CA GLN B 109 14.64 29.28 10.44
C GLN B 109 13.95 27.92 10.35
N LEU B 110 12.63 27.87 10.50
CA LEU B 110 11.90 26.62 10.32
C LEU B 110 12.01 26.13 8.87
N ALA B 111 11.82 27.03 7.92
CA ALA B 111 11.84 26.65 6.51
C ALA B 111 13.21 26.17 6.07
N THR B 112 14.29 26.67 6.68
CA THR B 112 15.66 26.33 6.28
C THR B 112 16.38 25.47 7.31
N TYR B 113 15.63 24.84 8.21
CA TYR B 113 16.09 23.73 9.03
C TYR B 113 17.08 24.14 10.11
N THR B 114 16.98 25.34 10.71
CA THR B 114 17.98 25.76 11.68
C THR B 114 17.44 25.97 13.09
N SER B 115 16.33 25.31 13.44
CA SER B 115 15.79 25.47 14.79
C SER B 115 16.76 25.01 15.87
N GLY B 116 17.69 24.13 15.54
CA GLY B 116 18.63 23.62 16.50
C GLY B 116 18.19 22.37 17.22
N ASN B 117 16.96 21.89 16.99
CA ASN B 117 16.53 20.65 17.64
C ASN B 117 15.34 20.00 16.92
N LEU B 118 15.44 19.82 15.60
CA LEU B 118 14.46 19.05 14.86
C LEU B 118 15.18 18.08 13.94
N ALA B 119 14.88 16.79 14.07
CA ALA B 119 15.54 15.73 13.34
C ALA B 119 14.89 15.52 11.97
N LEU B 120 15.44 14.58 11.20
CA LEU B 120 14.94 14.35 9.85
C LEU B 120 13.45 13.99 9.87
N GLN B 121 13.04 13.14 10.79
CA GLN B 121 11.65 12.74 10.94
C GLN B 121 11.13 13.09 12.33
N PHE B 122 9.80 13.22 12.44
CA PHE B 122 9.11 13.16 13.71
C PHE B 122 9.48 11.88 14.46
N PRO B 123 9.36 11.85 15.78
CA PRO B 123 9.46 10.58 16.49
C PRO B 123 8.38 9.61 16.01
N ASP B 124 8.68 8.32 16.10
CA ASP B 124 7.75 7.31 15.60
C ASP B 124 6.36 7.43 16.24
N GLU B 125 6.30 7.84 17.51
CA GLU B 125 5.03 7.82 18.23
C GLU B 125 4.19 9.07 18.00
N VAL B 126 4.70 10.06 17.28
CA VAL B 126 3.95 11.26 16.96
C VAL B 126 3.21 10.99 15.65
N LYS B 127 1.89 10.82 15.73
CA LYS B 127 1.09 10.45 14.57
C LYS B 127 -0.15 11.33 14.42
N THR B 128 -0.92 11.50 15.49
CA THR B 128 -2.18 12.22 15.40
C THR B 128 -1.95 13.73 15.42
N ASP B 129 -2.99 14.48 15.04
CA ASP B 129 -2.93 15.93 15.15
C ASP B 129 -2.59 16.38 16.57
N GLN B 130 -3.27 15.80 17.57
CA GLN B 130 -3.00 16.14 18.96
C GLN B 130 -1.56 15.83 19.34
N GLN B 131 -1.04 14.69 18.87
CA GLN B 131 0.33 14.33 19.20
C GLN B 131 1.31 15.29 18.57
N VAL B 132 1.03 15.74 17.34
CA VAL B 132 1.89 16.74 16.72
C VAL B 132 1.89 18.02 17.53
N LEU B 133 0.70 18.50 17.90
CA LEU B 133 0.59 19.69 18.73
C LEU B 133 1.35 19.52 20.04
N THR B 134 1.16 18.39 20.71
CA THR B 134 1.86 18.15 21.97
C THR B 134 3.37 18.11 21.76
N PHE B 135 3.81 17.52 20.65
CA PHE B 135 5.24 17.49 20.33
C PHE B 135 5.83 18.89 20.30
N PHE B 136 5.14 19.83 19.64
CA PHE B 136 5.69 21.17 19.49
C PHE B 136 5.53 21.99 20.78
N LYS B 137 4.42 21.81 21.50
CA LYS B 137 4.29 22.50 22.79
C LYS B 137 5.38 22.06 23.75
N ASP B 138 5.76 20.77 23.73
CA ASP B 138 6.77 20.22 24.63
C ASP B 138 8.19 20.48 24.18
N TRP B 139 8.37 21.03 22.98
CA TRP B 139 9.69 21.22 22.40
C TRP B 139 10.52 22.19 23.23
N LYS B 140 11.80 21.89 23.36
CA LYS B 140 12.75 22.75 24.02
C LYS B 140 13.99 22.89 23.15
N PRO B 141 14.67 24.02 23.20
CA PRO B 141 15.82 24.23 22.30
C PRO B 141 17.00 23.36 22.71
N LYS B 142 17.87 23.12 21.74
CA LYS B 142 19.10 22.35 21.97
C LYS B 142 20.29 23.14 21.44
N ASN B 143 20.62 22.99 20.15
CA ASN B 143 21.68 23.80 19.57
C ASN B 143 21.19 25.24 19.44
N SER B 144 22.13 26.19 19.49
N SER B 144 22.13 26.19 19.50
CA SER B 144 21.78 27.60 19.39
CA SER B 144 21.76 27.60 19.42
C SER B 144 20.91 27.85 18.16
C SER B 144 20.91 27.86 18.17
N ILE B 145 19.74 28.49 18.38
CA ILE B 145 18.79 28.68 17.28
C ILE B 145 19.44 29.46 16.14
N GLY B 146 19.21 28.98 14.91
CA GLY B 146 19.71 29.64 13.72
C GLY B 146 21.11 29.24 13.29
N GLU B 147 21.89 28.58 14.16
CA GLU B 147 23.30 28.34 13.91
C GLU B 147 23.60 27.02 13.22
N TYR B 148 22.72 26.02 13.33
CA TYR B 148 22.98 24.69 12.81
C TYR B 148 21.86 24.23 11.88
N ARG B 149 22.25 23.78 10.68
CA ARG B 149 21.34 23.18 9.73
C ARG B 149 21.25 21.67 9.99
N GLN B 150 20.03 21.19 10.21
CA GLN B 150 19.75 19.76 10.23
C GLN B 150 18.51 19.55 9.38
N TYR B 151 18.68 18.94 8.21
CA TYR B 151 17.58 18.70 7.28
C TYR B 151 16.45 17.96 7.99
N SER B 152 15.22 18.46 7.86
CA SER B 152 14.17 18.07 8.79
C SER B 152 12.77 18.21 8.19
N ASN B 153 12.04 17.10 8.14
CA ASN B 153 10.63 17.13 7.74
C ASN B 153 9.77 17.90 8.72
N PRO B 154 9.83 17.65 10.03
CA PRO B 154 8.96 18.41 10.95
C PRO B 154 9.24 19.90 10.92
N SER B 155 10.48 20.33 10.63
CA SER B 155 10.79 21.75 10.58
C SER B 155 10.02 22.43 9.45
N ILE B 156 10.19 21.95 8.22
CA ILE B 156 9.49 22.62 7.14
C ILE B 156 8.01 22.25 7.12
N GLY B 157 7.62 21.10 7.69
CA GLY B 157 6.21 20.82 7.88
C GLY B 157 5.51 21.85 8.76
N LEU B 158 6.13 22.24 9.87
CA LEU B 158 5.57 23.29 10.70
C LEU B 158 5.51 24.62 9.94
N PHE B 159 6.56 24.95 9.18
CA PHE B 159 6.51 26.14 8.33
C PHE B 159 5.31 26.08 7.39
N GLY B 160 5.10 24.93 6.74
CA GLY B 160 3.96 24.77 5.87
C GLY B 160 2.62 24.96 6.56
N LYS B 161 2.46 24.36 7.75
CA LYS B 161 1.21 24.53 8.48
C LYS B 161 0.98 26.00 8.82
N VAL B 162 2.03 26.70 9.22
CA VAL B 162 1.89 28.11 9.56
C VAL B 162 1.49 28.92 8.33
N VAL B 163 2.14 28.67 7.19
CA VAL B 163 1.76 29.34 5.95
C VAL B 163 0.25 29.14 5.68
N ALA B 164 -0.23 27.91 5.82
CA ALA B 164 -1.65 27.64 5.58
C ALA B 164 -2.53 28.44 6.55
N LEU B 165 -2.21 28.36 7.85
CA LEU B 165 -2.96 29.16 8.83
C LEU B 165 -3.02 30.63 8.42
N SER B 166 -1.90 31.18 7.93
CA SER B 166 -1.87 32.60 7.59
C SER B 166 -2.78 32.94 6.43
N MET B 167 -3.12 31.94 5.61
CA MET B 167 -4.02 32.11 4.47
C MET B 167 -5.42 31.60 4.75
N ASN B 168 -5.72 31.25 6.01
CA ASN B 168 -7.03 30.78 6.44
C ASN B 168 -7.56 29.65 5.55
N LYS B 169 -6.67 28.76 5.13
CA LYS B 169 -7.05 27.56 4.39
C LYS B 169 -6.16 26.39 4.80
N PRO B 170 -6.67 25.16 4.73
CA PRO B 170 -5.80 24.00 4.97
C PRO B 170 -4.70 23.93 3.92
N PHE B 171 -3.59 23.30 4.28
CA PHE B 171 -2.43 23.29 3.39
C PHE B 171 -2.73 22.64 2.04
N ASP B 172 -3.53 21.57 2.01
CA ASP B 172 -3.82 20.96 0.71
C ASP B 172 -4.47 21.98 -0.22
N GLN B 173 -5.37 22.81 0.32
N GLN B 173 -5.38 22.80 0.31
CA GLN B 173 -6.06 23.81 -0.49
CA GLN B 173 -6.05 23.81 -0.50
C GLN B 173 -5.14 24.96 -0.86
C GLN B 173 -5.13 24.96 -0.87
N VAL B 174 -4.20 25.33 0.01
CA VAL B 174 -3.21 26.32 -0.38
C VAL B 174 -2.55 25.92 -1.70
N LEU B 175 -2.12 24.66 -1.79
CA LEU B 175 -1.46 24.22 -3.02
C LEU B 175 -2.47 23.99 -4.16
N GLU B 176 -3.55 23.25 -3.88
CA GLU B 176 -4.43 22.84 -4.97
C GLU B 176 -5.30 23.99 -5.47
N LYS B 177 -5.61 24.97 -4.63
CA LYS B 177 -6.48 26.08 -5.07
C LYS B 177 -5.72 27.34 -5.42
N THR B 178 -4.55 27.58 -4.84
CA THR B 178 -3.87 28.84 -5.02
C THR B 178 -2.55 28.69 -5.78
N ILE B 179 -1.64 27.87 -5.26
CA ILE B 179 -0.28 27.83 -5.82
C ILE B 179 -0.22 27.06 -7.13
N PHE B 180 -0.75 25.82 -7.18
CA PHE B 180 -0.69 25.06 -8.42
C PHE B 180 -1.37 25.81 -9.56
N PRO B 181 -2.58 26.37 -9.39
CA PRO B 181 -3.19 27.12 -10.51
C PRO B 181 -2.39 28.34 -10.93
N ALA B 182 -1.80 29.06 -9.97
CA ALA B 182 -0.98 30.22 -10.31
C ALA B 182 0.23 29.82 -11.15
N LEU B 183 0.72 28.61 -10.97
CA LEU B 183 1.85 28.08 -11.73
C LEU B 183 1.42 27.44 -13.04
N GLY B 184 0.11 27.40 -13.32
CA GLY B 184 -0.38 26.76 -14.53
C GLY B 184 -0.37 25.25 -14.54
N LEU B 185 -0.31 24.62 -13.36
CA LEU B 185 -0.21 23.17 -13.28
C LEU B 185 -1.61 22.56 -13.31
N LYS B 186 -1.77 21.49 -14.09
CA LYS B 186 -3.07 20.90 -14.33
C LYS B 186 -3.30 19.57 -13.61
N HIS B 187 -2.24 18.86 -13.23
CA HIS B 187 -2.41 17.53 -12.64
C HIS B 187 -1.39 17.34 -11.52
N SER B 188 -1.29 18.33 -10.67
CA SER B 188 -0.46 18.27 -9.48
C SER B 188 -1.37 18.23 -8.25
N TYR B 189 -1.04 17.39 -7.28
CA TYR B 189 -1.97 17.08 -6.21
C TYR B 189 -1.26 16.86 -4.88
N VAL B 190 -1.92 17.28 -3.81
CA VAL B 190 -1.66 16.76 -2.47
C VAL B 190 -2.46 15.49 -2.23
N ASN B 191 -3.72 15.48 -2.67
CA ASN B 191 -4.56 14.29 -2.63
C ASN B 191 -5.04 13.99 -4.05
N VAL B 192 -4.66 12.83 -4.57
CA VAL B 192 -5.06 12.44 -5.93
C VAL B 192 -6.55 12.12 -5.93
N PRO B 193 -7.36 12.81 -6.74
CA PRO B 193 -8.79 12.53 -6.76
C PRO B 193 -9.06 11.20 -7.43
N LYS B 194 -10.25 10.66 -7.12
CA LYS B 194 -10.63 9.35 -7.62
C LYS B 194 -10.51 9.26 -9.14
N THR B 195 -10.92 10.32 -9.85
CA THR B 195 -10.85 10.33 -11.31
C THR B 195 -9.42 10.31 -11.85
N GLN B 196 -8.41 10.52 -10.99
CA GLN B 196 -7.01 10.44 -11.43
C GLN B 196 -6.28 9.23 -10.88
N MET B 197 -6.93 8.39 -10.07
CA MET B 197 -6.25 7.20 -9.55
C MET B 197 -5.73 6.32 -10.68
N GLN B 198 -6.43 6.27 -11.82
CA GLN B 198 -5.96 5.46 -12.94
C GLN B 198 -4.65 5.97 -13.53
N ASN B 199 -4.27 7.20 -13.22
CA ASN B 199 -3.03 7.79 -13.70
C ASN B 199 -1.93 7.81 -12.66
N TYR B 200 -2.22 7.34 -11.46
CA TYR B 200 -1.29 7.43 -10.34
C TYR B 200 -0.40 6.18 -10.37
N ALA B 201 0.87 6.39 -10.67
CA ALA B 201 1.80 5.26 -10.70
C ALA B 201 1.84 4.58 -9.34
N PHE B 202 2.12 3.29 -9.35
CA PHE B 202 2.60 2.63 -8.14
C PHE B 202 4.11 2.81 -8.04
N GLY B 203 4.59 2.92 -6.81
CA GLY B 203 6.01 2.79 -6.56
C GLY B 203 6.37 1.34 -6.35
N TYR B 204 7.67 1.05 -6.40
CA TYR B 204 8.15 -0.32 -6.22
C TYR B 204 9.38 -0.30 -5.32
N ASN B 205 9.43 -1.21 -4.34
CA ASN B 205 10.56 -1.26 -3.43
C ASN B 205 11.64 -2.19 -3.99
N GLN B 206 12.69 -2.46 -3.21
CA GLN B 206 13.83 -3.21 -3.74
C GLN B 206 13.47 -4.64 -4.09
N GLU B 207 12.43 -5.19 -3.48
CA GLU B 207 11.93 -6.52 -3.80
C GLU B 207 10.87 -6.48 -4.91
N ASN B 208 10.70 -5.34 -5.57
CA ASN B 208 9.72 -5.15 -6.63
C ASN B 208 8.29 -5.39 -6.15
N GLN B 209 8.03 -5.07 -4.88
CA GLN B 209 6.64 -5.06 -4.44
C GLN B 209 6.06 -3.65 -4.57
N PRO B 210 4.80 -3.53 -4.97
CA PRO B 210 4.21 -2.19 -5.11
C PRO B 210 4.08 -1.50 -3.76
N ILE B 211 4.17 -0.18 -3.78
CA ILE B 211 4.13 0.61 -2.55
C ILE B 211 3.75 2.05 -2.88
N ARG B 212 2.97 2.65 -2.00
CA ARG B 212 2.54 4.04 -2.12
C ARG B 212 2.81 4.74 -0.80
N VAL B 213 3.05 6.05 -0.88
CA VAL B 213 3.38 6.81 0.33
C VAL B 213 2.23 6.73 1.32
N ASN B 214 2.57 6.49 2.61
CA ASN B 214 1.66 6.37 3.74
C ASN B 214 1.33 7.76 4.31
N PRO B 215 0.10 7.98 4.76
CA PRO B 215 -0.20 9.21 5.51
C PRO B 215 0.74 9.35 6.70
N GLY B 216 1.13 10.59 6.99
CA GLY B 216 1.99 10.86 8.11
C GLY B 216 1.78 12.26 8.64
N PRO B 217 2.32 12.54 9.84
CA PRO B 217 2.14 13.86 10.45
C PRO B 217 2.77 14.96 9.59
N LEU B 218 1.99 16.01 9.33
CA LEU B 218 2.44 17.07 8.44
C LEU B 218 3.16 16.49 7.23
N ASP B 219 2.64 15.40 6.67
CA ASP B 219 3.29 14.81 5.50
C ASP B 219 3.26 15.76 4.31
N ALA B 220 2.13 16.41 4.06
CA ALA B 220 1.95 17.14 2.81
C ALA B 220 3.03 18.18 2.56
N PRO B 221 3.37 19.09 3.48
CA PRO B 221 4.39 20.10 3.17
C PRO B 221 5.80 19.53 3.08
N ALA B 222 6.05 18.36 3.66
CA ALA B 222 7.40 17.81 3.69
C ALA B 222 7.67 16.88 2.51
N TYR B 223 6.71 16.01 2.15
CA TYR B 223 6.98 15.06 1.07
C TYR B 223 5.72 14.54 0.38
N GLY B 224 4.60 15.25 0.43
CA GLY B 224 3.32 14.68 0.04
C GLY B 224 2.75 15.08 -1.30
N VAL B 225 3.51 15.78 -2.16
CA VAL B 225 2.98 16.23 -3.46
C VAL B 225 3.23 15.19 -4.54
N LYS B 226 2.28 15.07 -5.48
CA LYS B 226 2.41 14.18 -6.63
C LYS B 226 2.16 15.00 -7.90
N SER B 227 2.86 14.66 -8.99
CA SER B 227 2.75 15.46 -10.20
C SER B 227 3.16 14.64 -11.42
N THR B 228 2.90 15.20 -12.60
CA THR B 228 3.26 14.62 -13.89
C THR B 228 4.52 15.26 -14.44
N LEU B 229 5.10 14.62 -15.48
CA LEU B 229 6.25 15.22 -16.13
C LEU B 229 5.91 16.56 -16.77
N PRO B 230 4.82 16.69 -17.54
CA PRO B 230 4.48 18.01 -18.08
C PRO B 230 4.32 19.10 -17.03
N ASP B 231 3.67 18.81 -15.89
CA ASP B 231 3.55 19.82 -14.86
C ASP B 231 4.90 20.20 -14.30
N MET B 232 5.77 19.22 -14.05
CA MET B 232 7.07 19.54 -13.46
C MET B 232 7.92 20.32 -14.45
N LEU B 233 7.77 20.06 -15.75
CA LEU B 233 8.46 20.89 -16.74
C LEU B 233 7.91 22.31 -16.74
N SER B 234 6.60 22.48 -16.53
CA SER B 234 6.07 23.83 -16.37
C SER B 234 6.63 24.48 -15.11
N PHE B 235 6.81 23.71 -14.05
CA PHE B 235 7.33 24.28 -12.82
C PHE B 235 8.75 24.78 -13.00
N ILE B 236 9.60 24.00 -13.67
CA ILE B 236 10.94 24.45 -13.98
C ILE B 236 10.90 25.68 -14.86
N HIS B 237 10.00 25.70 -15.86
CA HIS B 237 9.87 26.88 -16.72
C HIS B 237 9.56 28.12 -15.90
N ALA B 238 8.69 28.00 -14.89
CA ALA B 238 8.39 29.17 -14.07
C ALA B 238 9.61 29.61 -13.26
N ASN B 239 10.42 28.65 -12.81
CA ASN B 239 11.63 28.97 -12.09
C ASN B 239 12.68 29.59 -13.02
N LEU B 240 12.69 29.20 -14.29
CA LEU B 240 13.62 29.80 -15.25
C LEU B 240 13.16 31.17 -15.72
N ASN B 241 11.85 31.42 -15.77
CA ASN B 241 11.31 32.66 -16.34
C ASN B 241 10.25 33.26 -15.42
N PRO B 242 10.60 33.57 -14.18
CA PRO B 242 9.57 34.10 -13.26
C PRO B 242 8.99 35.43 -13.72
N GLN B 243 9.76 36.23 -14.46
CA GLN B 243 9.29 37.51 -14.97
C GLN B 243 8.13 37.37 -15.96
N LYS B 244 7.89 36.17 -16.48
CA LYS B 244 6.78 35.92 -17.40
C LYS B 244 5.46 35.63 -16.68
N TYR B 245 5.45 35.63 -15.34
CA TYR B 245 4.27 35.26 -14.57
C TYR B 245 3.71 36.45 -13.80
N PRO B 246 2.41 36.44 -13.48
CA PRO B 246 1.84 37.52 -12.68
C PRO B 246 2.60 37.73 -11.38
N ALA B 247 2.60 38.99 -10.93
CA ALA B 247 3.46 39.42 -9.82
C ALA B 247 3.33 38.53 -8.59
N ASP B 248 2.11 38.16 -8.19
CA ASP B 248 1.96 37.40 -6.95
C ASP B 248 2.80 36.11 -6.95
N ILE B 249 2.71 35.33 -8.04
CA ILE B 249 3.48 34.08 -8.08
C ILE B 249 4.92 34.34 -8.54
N GLN B 250 5.15 35.37 -9.34
CA GLN B 250 6.51 35.74 -9.72
C GLN B 250 7.33 36.05 -8.47
N ARG B 251 6.80 36.88 -7.58
CA ARG B 251 7.50 37.22 -6.35
C ARG B 251 7.74 35.98 -5.50
N ALA B 252 6.78 35.06 -5.46
CA ALA B 252 6.92 33.84 -4.68
C ALA B 252 8.07 32.98 -5.20
N ILE B 253 8.14 32.82 -6.52
CA ILE B 253 9.22 32.05 -7.14
C ILE B 253 10.57 32.69 -6.82
N ASN B 254 10.68 34.01 -7.00
CA ASN B 254 11.96 34.67 -6.73
C ASN B 254 12.36 34.52 -5.27
N GLU B 255 11.39 34.55 -4.36
CA GLU B 255 11.70 34.35 -2.95
C GLU B 255 12.43 33.02 -2.72
N THR B 256 12.09 31.98 -3.49
CA THR B 256 12.72 30.68 -3.28
C THR B 256 14.12 30.59 -3.88
N HIS B 257 14.56 31.61 -4.62
CA HIS B 257 15.88 31.63 -5.24
C HIS B 257 16.92 32.36 -4.42
N GLN B 258 16.54 33.00 -3.32
CA GLN B 258 17.48 33.76 -2.53
C GLN B 258 18.26 32.85 -1.59
N GLY B 259 19.57 32.79 -1.74
CA GLY B 259 20.41 32.08 -0.81
C GLY B 259 20.30 32.70 0.58
N ARG B 260 20.15 31.87 1.61
CA ARG B 260 19.92 32.33 2.97
C ARG B 260 21.11 32.14 3.89
N TYR B 261 21.92 31.13 3.61
CA TYR B 261 23.19 30.90 4.30
C TYR B 261 23.94 29.88 3.46
N GLN B 262 25.12 29.50 3.94
CA GLN B 262 26.00 28.62 3.20
C GLN B 262 26.44 27.47 4.07
N VAL B 263 26.49 26.27 3.51
CA VAL B 263 27.19 25.16 4.14
C VAL B 263 28.19 24.61 3.13
N ASN B 264 29.49 24.89 3.37
CA ASN B 264 30.53 24.55 2.39
C ASN B 264 30.17 25.14 1.03
N THR B 265 30.08 24.30 0.00
CA THR B 265 29.82 24.80 -1.34
C THR B 265 28.34 24.93 -1.66
N MET B 266 27.46 24.59 -0.73
CA MET B 266 26.02 24.65 -0.96
C MET B 266 25.42 25.90 -0.31
N TYR B 267 24.59 26.61 -1.05
CA TYR B 267 23.80 27.70 -0.50
C TYR B 267 22.38 27.19 -0.29
N GLN B 268 21.85 27.36 0.91
CA GLN B 268 20.48 26.96 1.23
C GLN B 268 19.53 28.09 0.86
N ALA B 269 18.75 27.89 -0.21
CA ALA B 269 17.65 28.79 -0.53
C ALA B 269 16.39 28.25 0.13
N LEU B 270 15.24 28.86 -0.17
N LEU B 270 15.24 28.84 -0.21
CA LEU B 270 13.97 28.35 0.35
CA LEU B 270 13.97 28.36 0.33
C LEU B 270 13.59 27.12 -0.45
C LEU B 270 13.57 27.12 -0.45
N GLY B 271 13.74 25.94 0.16
CA GLY B 271 13.52 24.70 -0.54
C GLY B 271 14.65 24.30 -1.47
N TRP B 272 14.96 25.15 -2.44
CA TRP B 272 16.03 24.85 -3.39
C TRP B 272 17.39 24.86 -2.72
N GLU B 273 18.28 24.00 -3.22
CA GLU B 273 19.71 24.13 -2.98
C GLU B 273 20.30 24.92 -4.13
N GLU B 274 21.22 25.82 -3.81
CA GLU B 274 21.78 26.78 -4.74
C GLU B 274 23.30 26.63 -4.81
N PHE B 275 23.86 26.79 -6.01
CA PHE B 275 25.31 26.64 -6.22
C PHE B 275 25.81 27.67 -7.20
N SER B 276 27.05 28.10 -7.00
CA SER B 276 27.70 28.92 -8.01
C SER B 276 27.80 28.13 -9.31
N TYR B 277 27.53 28.81 -10.44
CA TYR B 277 27.58 28.18 -11.75
C TYR B 277 28.71 28.75 -12.60
N PRO B 278 29.50 27.92 -13.27
CA PRO B 278 29.39 26.45 -13.37
C PRO B 278 29.75 25.76 -12.06
N ALA B 279 29.00 24.73 -11.69
CA ALA B 279 29.34 23.90 -10.54
C ALA B 279 29.99 22.62 -11.03
N THR B 280 31.00 22.16 -10.29
CA THR B 280 31.59 20.88 -10.61
C THR B 280 30.61 19.77 -10.26
N LEU B 281 30.75 18.64 -10.95
CA LEU B 281 29.93 17.48 -10.58
C LEU B 281 30.12 17.14 -9.11
N GLN B 282 31.36 17.20 -8.62
CA GLN B 282 31.62 16.81 -7.24
C GLN B 282 30.88 17.71 -6.27
N THR B 283 30.80 19.01 -6.57
CA THR B 283 30.04 19.93 -5.73
C THR B 283 28.58 19.51 -5.62
N LEU B 284 27.96 19.16 -6.75
CA LEU B 284 26.56 18.74 -6.73
C LEU B 284 26.39 17.45 -5.94
N LEU B 285 27.34 16.52 -6.08
CA LEU B 285 27.27 15.27 -5.33
C LEU B 285 27.44 15.52 -3.83
N ASP B 286 28.40 16.37 -3.46
CA ASP B 286 28.65 16.65 -2.04
C ASP B 286 27.42 17.20 -1.35
N SER B 287 26.59 17.98 -2.06
CA SER B 287 25.42 18.56 -1.44
C SER B 287 24.49 17.51 -0.87
N ASN B 288 24.59 16.28 -1.37
N ASN B 288 24.52 16.29 -1.35
CA ASN B 288 23.75 15.14 -1.02
CA ASN B 288 23.66 15.26 -0.80
C ASN B 288 24.43 14.18 -0.04
C ASN B 288 24.49 14.15 -0.16
N SER B 289 25.62 14.53 0.45
CA SER B 289 26.40 13.60 1.25
C SER B 289 25.69 13.26 2.56
N GLU B 290 26.07 12.12 3.15
CA GLU B 290 25.50 11.76 4.45
C GLU B 290 25.72 12.87 5.48
N GLN B 291 26.88 13.52 5.45
CA GLN B 291 27.15 14.58 6.41
C GLN B 291 26.14 15.71 6.28
N ILE B 292 25.83 16.13 5.04
CA ILE B 292 24.95 17.27 4.85
C ILE B 292 23.50 16.89 5.09
N VAL B 293 23.11 15.69 4.65
CA VAL B 293 21.69 15.33 4.69
C VAL B 293 21.27 14.81 6.06
N MET B 294 22.16 14.13 6.78
N MET B 294 22.16 14.14 6.78
CA MET B 294 21.77 13.39 7.97
CA MET B 294 21.77 13.39 7.97
C MET B 294 22.22 14.03 9.29
C MET B 294 22.26 13.98 9.29
N LYS B 295 23.20 14.92 9.27
CA LYS B 295 23.81 15.43 10.48
C LYS B 295 23.70 16.95 10.57
N PRO B 296 23.84 17.51 11.77
CA PRO B 296 23.84 18.97 11.90
C PRO B 296 25.17 19.55 11.40
N ASN B 297 25.08 20.69 10.74
CA ASN B 297 26.26 21.38 10.23
C ASN B 297 26.14 22.87 10.54
N LYS B 298 27.22 23.47 11.04
CA LYS B 298 27.17 24.91 11.32
C LYS B 298 27.02 25.67 10.01
N VAL B 299 26.08 26.63 9.98
CA VAL B 299 25.88 27.47 8.81
C VAL B 299 26.84 28.65 8.88
N THR B 300 27.20 29.18 7.71
CA THR B 300 28.02 30.38 7.65
C THR B 300 27.27 31.44 6.85
N ALA B 301 27.47 32.69 7.23
CA ALA B 301 26.76 33.80 6.60
C ALA B 301 27.27 34.01 5.18
N ILE B 302 26.35 34.31 4.27
CA ILE B 302 26.73 34.58 2.88
C ILE B 302 27.43 35.93 2.81
N SER B 303 28.67 35.92 2.31
CA SER B 303 29.40 37.17 2.13
C SER B 303 28.92 37.90 0.88
N LYS B 304 28.63 37.15 -0.19
CA LYS B 304 28.09 37.72 -1.42
C LYS B 304 27.41 36.59 -2.18
N GLU B 305 26.15 36.79 -2.54
CA GLU B 305 25.45 35.77 -3.29
C GLU B 305 26.16 35.52 -4.62
N PRO B 306 26.27 34.27 -5.07
CA PRO B 306 26.94 34.01 -6.35
C PRO B 306 26.29 34.83 -7.46
N SER B 307 27.13 35.45 -8.29
CA SER B 307 26.58 36.25 -9.38
C SER B 307 25.84 35.37 -10.40
N VAL B 308 26.34 34.17 -10.64
CA VAL B 308 25.74 33.22 -11.57
C VAL B 308 25.46 31.94 -10.81
N LYS B 309 24.22 31.45 -10.89
CA LYS B 309 23.73 30.42 -9.99
C LYS B 309 23.07 29.28 -10.75
N MET B 310 23.01 28.12 -10.10
CA MET B 310 22.14 27.02 -10.52
C MET B 310 21.52 26.41 -9.28
N TYR B 311 20.47 25.62 -9.48
CA TYR B 311 19.69 25.08 -8.38
C TYR B 311 19.31 23.64 -8.66
N HIS B 312 19.16 22.84 -7.60
CA HIS B 312 18.57 21.51 -7.74
C HIS B 312 17.91 21.06 -6.44
N LYS B 313 17.23 19.92 -6.51
CA LYS B 313 16.63 19.28 -5.35
C LYS B 313 16.41 17.81 -5.65
N THR B 314 16.80 16.94 -4.72
CA THR B 314 16.44 15.52 -4.76
C THR B 314 15.20 15.24 -3.93
N GLY B 315 14.52 14.14 -4.25
CA GLY B 315 13.40 13.72 -3.44
C GLY B 315 13.16 12.23 -3.55
N SER B 316 12.77 11.57 -2.45
CA SER B 316 12.42 10.16 -2.49
C SER B 316 11.21 9.91 -1.60
N THR B 317 10.40 8.94 -2.01
CA THR B 317 9.54 8.19 -1.11
C THR B 317 10.03 6.76 -1.10
N THR B 318 9.29 5.90 -0.38
N THR B 318 9.32 5.89 -0.38
CA THR B 318 9.66 4.49 -0.32
CA THR B 318 9.74 4.50 -0.35
C THR B 318 9.72 3.86 -1.71
C THR B 318 9.79 3.91 -1.76
N GLY B 319 8.87 4.31 -2.64
CA GLY B 319 8.78 3.71 -3.96
C GLY B 319 9.16 4.59 -5.15
N PHE B 320 9.56 5.84 -4.91
CA PHE B 320 9.80 6.80 -5.99
C PHE B 320 11.09 7.59 -5.79
N GLY B 321 11.72 7.96 -6.90
CA GLY B 321 12.81 8.91 -6.88
C GLY B 321 12.52 10.09 -7.80
N THR B 322 13.00 11.26 -7.42
CA THR B 322 12.81 12.50 -8.17
C THR B 322 14.11 13.29 -8.16
N TYR B 323 14.37 14.02 -9.26
CA TYR B 323 15.45 15.00 -9.28
C TYR B 323 15.05 16.14 -10.19
N VAL B 324 15.24 17.39 -9.73
CA VAL B 324 15.00 18.57 -10.57
C VAL B 324 16.19 19.50 -10.46
N VAL B 325 16.54 20.14 -11.57
CA VAL B 325 17.74 20.98 -11.67
C VAL B 325 17.50 22.01 -12.75
N PHE B 326 17.96 23.24 -12.54
CA PHE B 326 17.83 24.26 -13.58
C PHE B 326 18.95 25.29 -13.47
N ILE B 327 19.31 25.84 -14.62
CA ILE B 327 20.43 26.78 -14.76
C ILE B 327 19.93 28.03 -15.47
N PRO B 328 19.60 29.10 -14.74
CA PRO B 328 19.07 30.31 -15.40
C PRO B 328 19.92 30.81 -16.55
N LYS B 329 21.24 30.88 -16.37
CA LYS B 329 22.10 31.45 -17.40
C LYS B 329 21.91 30.74 -18.74
N GLU B 330 21.72 29.43 -18.71
CA GLU B 330 21.58 28.63 -19.92
C GLU B 330 20.12 28.41 -20.32
N ASN B 331 19.18 28.95 -19.55
N ASN B 331 19.17 28.93 -19.56
CA ASN B 331 17.75 28.80 -19.82
CA ASN B 331 17.75 28.79 -19.90
C ASN B 331 17.40 27.33 -20.07
C ASN B 331 17.36 27.32 -20.06
N ILE B 332 17.86 26.47 -19.17
CA ILE B 332 17.70 25.03 -19.31
C ILE B 332 17.48 24.40 -17.94
N GLY B 333 16.77 23.27 -17.94
CA GLY B 333 16.55 22.52 -16.72
C GLY B 333 16.10 21.11 -17.07
N LEU B 334 16.08 20.25 -16.05
CA LEU B 334 15.78 18.85 -16.27
C LEU B 334 14.97 18.31 -15.10
N VAL B 335 14.09 17.35 -15.41
CA VAL B 335 13.26 16.66 -14.42
C VAL B 335 13.39 15.15 -14.67
N MET B 336 13.65 14.39 -13.59
CA MET B 336 13.65 12.94 -13.63
C MET B 336 12.66 12.40 -12.59
N LEU B 337 11.75 11.54 -13.03
CA LEU B 337 10.80 10.86 -12.14
C LEU B 337 10.92 9.36 -12.38
N THR B 338 11.03 8.59 -11.28
CA THR B 338 11.07 7.13 -11.35
C THR B 338 10.12 6.54 -10.31
N ASN B 339 9.52 5.39 -10.63
CA ASN B 339 8.73 4.67 -9.65
C ASN B 339 9.50 3.49 -9.04
N LYS B 340 10.81 3.64 -8.95
CA LYS B 340 11.66 2.94 -7.98
C LYS B 340 12.79 3.88 -7.63
N ARG B 341 13.14 3.96 -6.35
CA ARG B 341 14.31 4.76 -5.96
C ARG B 341 15.55 4.24 -6.66
N ILE B 342 16.40 5.16 -7.11
CA ILE B 342 17.78 4.86 -7.48
C ILE B 342 18.68 5.86 -6.77
N PRO B 343 19.96 5.52 -6.60
CA PRO B 343 20.84 6.38 -5.79
C PRO B 343 20.87 7.82 -6.28
N ASN B 344 20.83 8.76 -5.34
CA ASN B 344 20.87 10.18 -5.71
C ASN B 344 22.06 10.48 -6.61
N GLU B 345 23.21 9.85 -6.35
CA GLU B 345 24.40 10.13 -7.15
C GLU B 345 24.15 9.84 -8.63
N GLU B 346 23.40 8.78 -8.93
CA GLU B 346 23.11 8.42 -10.32
C GLU B 346 22.20 9.46 -10.98
N ARG B 347 21.22 9.97 -10.23
CA ARG B 347 20.35 11.02 -10.75
C ARG B 347 21.15 12.27 -11.10
N ILE B 348 22.00 12.70 -10.18
CA ILE B 348 22.79 13.92 -10.37
C ILE B 348 23.78 13.74 -11.52
N LYS B 349 24.43 12.58 -11.60
N LYS B 349 24.43 12.57 -11.60
CA LYS B 349 25.41 12.34 -12.65
CA LYS B 349 25.41 12.34 -12.65
C LYS B 349 24.74 12.31 -14.03
C LYS B 349 24.76 12.29 -14.02
N ALA B 350 23.66 11.56 -14.15
CA ALA B 350 22.97 11.45 -15.44
C ALA B 350 22.53 12.83 -15.92
N ALA B 351 21.93 13.63 -15.02
CA ALA B 351 21.50 14.98 -15.39
C ALA B 351 22.67 15.88 -15.72
N TYR B 352 23.79 15.74 -14.99
CA TYR B 352 24.97 16.55 -15.31
C TYR B 352 25.47 16.27 -16.73
N ALA B 353 25.51 14.99 -17.14
CA ALA B 353 26.02 14.68 -18.47
C ALA B 353 25.10 15.21 -19.56
N VAL B 354 23.78 15.12 -19.35
CA VAL B 354 22.83 15.58 -20.36
C VAL B 354 22.89 17.09 -20.50
N LEU B 355 22.80 17.81 -19.39
CA LEU B 355 22.74 19.28 -19.48
C LEU B 355 24.03 19.86 -20.01
N ASN B 356 25.18 19.25 -19.69
CA ASN B 356 26.43 19.77 -20.22
C ASN B 356 26.65 19.39 -21.67
N ALA B 357 26.05 18.29 -22.14
CA ALA B 357 26.27 17.83 -23.50
C ALA B 357 25.34 18.48 -24.51
N ILE B 358 24.27 19.11 -24.05
CA ILE B 358 23.25 19.63 -24.95
C ILE B 358 23.78 20.89 -25.64
N LYS B 359 23.60 20.95 -26.96
CA LYS B 359 24.07 22.11 -27.72
C LYS B 359 23.40 23.38 -27.21
N LYS B 360 24.19 24.43 -27.08
CA LYS B 360 23.74 25.69 -26.48
C LYS B 360 23.29 26.70 -27.53
#